data_7SEU
#
_entry.id   7SEU
#
_cell.length_a   53.172
_cell.length_b   147.270
_cell.length_c   96.899
_cell.angle_alpha   90.000
_cell.angle_beta   104.400
_cell.angle_gamma   90.000
#
_symmetry.space_group_name_H-M   'P 1 21 1'
#
loop_
_entity.id
_entity.type
_entity.pdbx_description
1 polymer 'PQQ-dependent catabolism-associated beta-propeller protein'
2 water water
#
_entity_poly.entity_id   1
_entity_poly.type   'polypeptide(L)'
_entity_poly.pdbx_seq_one_letter_code
;MHLRHLFSSRLRGSLLLGSLLVVSSFSTQAAEEMLRKAVGKGAYEMAYSQQENALWLATSQSRKLDKGGVVYRLDPVTLE
VTQAIHNDLKPFGATINNTTQTLWFGNTVNSAVTAIDAKTGEVKGRLVLDDRKRTEEVRPLQPRELVADDATNTVYISGI
GKESVIWVVDGGNIKLKTAIQNTGKMSTGLALDSEGKRLYTTNADGELITIDTADNKILSRKKLLDDGKEHFFINISLDT
ARQRAFITDSKAAEVLVVDTRNGNILAKVAAPESLAVLFNPARNEAYVTHRQAGKVSVIDAKSYKVVKTFDTPTHPNSLA
LSADGKTLYVSVKQKSTKQQEATQPDDVIRIAL
;
_entity_poly.pdbx_strand_id   A,B,C,D
#
# COMPACT_ATOMS: atom_id res chain seq x y z
N GLU A 32 23.26 -20.33 -15.67
CA GLU A 32 22.27 -21.11 -16.39
C GLU A 32 20.86 -20.86 -15.86
N GLU A 33 20.28 -21.90 -15.26
CA GLU A 33 18.93 -21.80 -14.70
C GLU A 33 18.89 -20.76 -13.59
N MET A 34 17.85 -19.93 -13.63
CA MET A 34 17.69 -18.85 -12.67
C MET A 34 16.31 -18.97 -12.04
N LEU A 35 16.26 -18.77 -10.72
CA LEU A 35 15.01 -18.81 -9.96
C LEU A 35 14.93 -17.57 -9.09
N ARG A 36 13.88 -16.77 -9.30
CA ARG A 36 13.63 -15.57 -8.51
C ARG A 36 12.52 -15.85 -7.52
N LYS A 37 12.73 -15.48 -6.26
CA LYS A 37 11.78 -15.75 -5.20
C LYS A 37 11.73 -14.58 -4.24
N ALA A 38 10.51 -14.10 -3.97
CA ALA A 38 10.33 -13.03 -2.99
C ALA A 38 10.56 -13.56 -1.59
N VAL A 39 11.30 -12.79 -0.78
CA VAL A 39 11.58 -13.17 0.59
C VAL A 39 11.01 -12.14 1.55
N GLY A 40 11.50 -10.91 1.46
CA GLY A 40 11.04 -9.86 2.35
C GLY A 40 11.67 -8.54 2.02
N LYS A 41 11.25 -7.52 2.76
CA LYS A 41 11.75 -6.17 2.55
C LYS A 41 13.11 -5.99 3.21
N GLY A 42 13.96 -5.18 2.59
CA GLY A 42 15.25 -4.87 3.16
C GLY A 42 16.23 -6.02 3.17
N ALA A 43 16.32 -6.78 2.09
CA ALA A 43 17.26 -7.88 2.01
C ALA A 43 18.69 -7.37 1.84
N TYR A 44 19.64 -8.04 2.50
CA TYR A 44 21.04 -7.71 2.32
C TYR A 44 21.91 -8.96 2.17
N GLU A 45 22.76 -9.24 3.15
CA GLU A 45 23.77 -10.28 2.98
C GLU A 45 23.25 -11.65 3.39
N MET A 46 24.02 -12.69 3.04
CA MET A 46 23.58 -14.07 3.15
C MET A 46 24.72 -14.92 3.69
N ALA A 47 24.39 -16.16 4.05
CA ALA A 47 25.36 -17.14 4.51
C ALA A 47 24.83 -18.54 4.20
N TYR A 48 25.75 -19.46 3.93
CA TYR A 48 25.40 -20.82 3.54
C TYR A 48 26.04 -21.83 4.48
N SER A 49 25.30 -22.89 4.79
CA SER A 49 25.80 -23.96 5.65
C SER A 49 25.62 -25.29 4.94
N GLN A 50 26.72 -26.00 4.70
CA GLN A 50 26.62 -27.34 4.15
C GLN A 50 26.04 -28.32 5.17
N GLN A 51 26.43 -28.19 6.44
CA GLN A 51 25.93 -29.11 7.47
C GLN A 51 24.42 -29.04 7.59
N GLU A 52 23.88 -27.81 7.64
CA GLU A 52 22.44 -27.64 7.73
C GLU A 52 21.74 -27.74 6.39
N ASN A 53 22.48 -27.70 5.29
CA ASN A 53 21.92 -27.67 3.94
C ASN A 53 20.86 -26.56 3.84
N ALA A 54 21.28 -25.35 4.18
CA ALA A 54 20.36 -24.23 4.30
C ALA A 54 21.04 -22.93 3.91
N LEU A 55 20.22 -21.94 3.58
CA LEU A 55 20.66 -20.61 3.23
C LEU A 55 19.94 -19.58 4.10
N TRP A 56 20.68 -18.57 4.56
CA TRP A 56 20.12 -17.53 5.41
C TRP A 56 20.21 -16.18 4.73
N LEU A 57 19.15 -15.38 4.89
CA LEU A 57 19.12 -14.02 4.36
C LEU A 57 18.73 -13.06 5.47
N ALA A 58 19.53 -12.01 5.65
CA ALA A 58 19.25 -10.97 6.62
C ALA A 58 18.34 -9.91 5.98
N THR A 59 17.23 -9.60 6.67
CA THR A 59 16.31 -8.58 6.21
C THR A 59 16.10 -7.54 7.30
N SER A 60 16.11 -6.27 6.92
CA SER A 60 15.83 -5.18 7.84
C SER A 60 14.35 -4.80 7.84
N GLN A 61 13.54 -5.42 6.97
CA GLN A 61 12.12 -5.11 6.84
C GLN A 61 11.91 -3.65 6.50
N SER A 62 10.73 -3.11 6.80
CA SER A 62 10.45 -1.70 6.52
C SER A 62 11.18 -0.83 7.52
N ARG A 63 11.83 0.22 7.03
CA ARG A 63 12.60 1.09 7.92
C ARG A 63 11.72 1.95 8.81
N LYS A 64 10.50 2.26 8.37
CA LYS A 64 9.60 3.08 9.17
C LYS A 64 8.60 2.27 9.99
N LEU A 65 8.08 1.17 9.43
CA LEU A 65 7.01 0.43 10.10
C LEU A 65 7.53 -0.65 11.03
N ASP A 66 8.68 -1.25 10.73
CA ASP A 66 9.17 -2.37 11.49
C ASP A 66 10.29 -1.94 12.43
N LYS A 67 10.19 -2.35 13.68
CA LYS A 67 11.27 -2.19 14.66
C LYS A 67 11.98 -3.54 14.76
N GLY A 68 13.23 -3.57 14.35
CA GLY A 68 13.96 -4.81 14.23
C GLY A 68 13.76 -5.45 12.87
N GLY A 69 14.32 -6.65 12.72
CA GLY A 69 14.25 -7.34 11.45
C GLY A 69 14.07 -8.84 11.58
N VAL A 70 14.23 -9.55 10.47
CA VAL A 70 14.04 -10.99 10.42
C VAL A 70 15.18 -11.62 9.64
N VAL A 71 15.75 -12.68 10.18
CA VAL A 71 16.69 -13.53 9.46
C VAL A 71 15.92 -14.74 8.94
N TYR A 72 15.86 -14.89 7.62
CA TYR A 72 15.11 -15.97 6.98
C TYR A 72 16.03 -17.13 6.63
N ARG A 73 15.63 -18.33 7.01
CA ARG A 73 16.29 -19.55 6.56
C ARG A 73 15.57 -20.05 5.32
N LEU A 74 16.34 -20.29 4.25
CA LEU A 74 15.79 -20.58 2.94
C LEU A 74 16.20 -21.97 2.48
N ASP A 75 15.30 -22.63 1.76
CA ASP A 75 15.63 -23.89 1.10
C ASP A 75 16.61 -23.61 -0.03
N PRO A 76 17.78 -24.27 -0.05
CA PRO A 76 18.79 -23.93 -1.07
C PRO A 76 18.38 -24.27 -2.49
N VAL A 77 17.31 -25.02 -2.70
CA VAL A 77 16.85 -25.38 -4.04
C VAL A 77 15.65 -24.54 -4.47
N THR A 78 14.65 -24.41 -3.58
CA THR A 78 13.41 -23.71 -3.92
C THR A 78 13.34 -22.29 -3.38
N LEU A 79 14.25 -21.91 -2.47
CA LEU A 79 14.26 -20.58 -1.85
C LEU A 79 12.99 -20.31 -1.02
N GLU A 80 12.31 -21.37 -0.59
CA GLU A 80 11.15 -21.21 0.28
C GLU A 80 11.59 -20.98 1.71
N VAL A 81 10.88 -20.10 2.41
CA VAL A 81 11.20 -19.81 3.81
C VAL A 81 10.94 -21.07 4.64
N THR A 82 12.00 -21.60 5.26
CA THR A 82 11.88 -22.73 6.16
C THR A 82 12.01 -22.33 7.62
N GLN A 83 12.43 -21.10 7.91
CA GLN A 83 12.47 -20.59 9.27
C GLN A 83 12.57 -19.07 9.21
N ALA A 84 11.84 -18.41 10.11
CA ALA A 84 11.85 -16.96 10.22
C ALA A 84 12.31 -16.58 11.62
N ILE A 85 13.50 -16.02 11.74
CA ILE A 85 14.10 -15.66 13.02
C ILE A 85 13.88 -14.16 13.23
N HIS A 86 12.95 -13.81 14.11
CA HIS A 86 12.67 -12.41 14.39
C HIS A 86 13.77 -11.83 15.28
N ASN A 87 14.25 -10.65 14.91
CA ASN A 87 15.32 -9.97 15.63
C ASN A 87 14.88 -8.57 16.02
N ASP A 88 15.16 -8.19 17.27
CA ASP A 88 14.82 -6.84 17.71
C ASP A 88 15.78 -5.79 17.19
N LEU A 89 16.94 -6.19 16.70
CA LEU A 89 17.84 -5.32 15.95
C LEU A 89 17.86 -5.76 14.49
N LYS A 90 17.86 -4.79 13.58
CA LYS A 90 17.81 -5.10 12.16
C LYS A 90 19.14 -5.70 11.72
N PRO A 91 19.13 -6.86 11.07
CA PRO A 91 20.38 -7.44 10.55
C PRO A 91 20.67 -6.98 9.13
N PHE A 92 21.98 -6.82 8.86
CA PHE A 92 22.43 -6.37 7.54
C PHE A 92 23.52 -7.29 7.01
N GLY A 93 24.76 -7.09 7.47
CA GLY A 93 25.83 -7.98 7.10
C GLY A 93 25.64 -9.38 7.65
N ALA A 94 26.32 -10.35 7.04
CA ALA A 94 26.13 -11.74 7.41
C ALA A 94 27.40 -12.54 7.16
N THR A 95 27.68 -13.46 8.07
CA THR A 95 28.73 -14.45 7.87
C THR A 95 28.40 -15.65 8.76
N ILE A 96 29.15 -16.74 8.56
CA ILE A 96 28.93 -17.96 9.32
C ILE A 96 30.28 -18.55 9.71
N ASN A 97 30.38 -19.01 10.96
CA ASN A 97 31.50 -19.82 11.42
C ASN A 97 31.14 -21.27 11.17
N ASN A 98 31.77 -21.89 10.16
CA ASN A 98 31.40 -23.26 9.78
C ASN A 98 31.79 -24.27 10.83
N THR A 99 32.76 -23.97 11.69
CA THR A 99 33.16 -24.92 12.73
C THR A 99 32.14 -24.94 13.87
N THR A 100 31.73 -23.78 14.35
CA THR A 100 30.74 -23.69 15.42
C THR A 100 29.31 -23.67 14.92
N GLN A 101 29.11 -23.55 13.60
CA GLN A 101 27.78 -23.42 13.01
C GLN A 101 27.01 -22.26 13.66
N THR A 102 27.67 -21.12 13.74
CA THR A 102 27.11 -19.92 14.37
C THR A 102 27.05 -18.81 13.34
N LEU A 103 25.85 -18.29 13.10
CA LEU A 103 25.67 -17.16 12.20
C LEU A 103 25.98 -15.85 12.92
N TRP A 104 26.63 -14.94 12.19
CA TRP A 104 27.00 -13.64 12.74
C TRP A 104 26.47 -12.55 11.82
N PHE A 105 25.67 -11.65 12.38
CA PHE A 105 25.01 -10.61 11.61
C PHE A 105 25.40 -9.24 12.13
N GLY A 106 25.59 -8.29 11.22
CA GLY A 106 25.93 -6.93 11.58
C GLY A 106 24.68 -6.09 11.71
N ASN A 107 24.53 -5.44 12.85
CA ASN A 107 23.39 -4.56 13.11
C ASN A 107 23.85 -3.13 12.82
N THR A 108 23.67 -2.72 11.57
CA THR A 108 24.27 -1.46 11.09
C THR A 108 23.69 -0.25 11.82
N VAL A 109 22.36 -0.16 11.89
CA VAL A 109 21.74 1.02 12.48
C VAL A 109 21.77 1.02 14.00
N ASN A 110 22.35 -0.01 14.63
CA ASN A 110 22.47 -0.07 16.08
C ASN A 110 23.91 -0.24 16.56
N SER A 111 24.89 -0.31 15.65
CA SER A 111 26.30 -0.46 16.01
C SER A 111 26.52 -1.70 16.88
N ALA A 112 25.99 -2.83 16.43
CA ALA A 112 26.07 -4.07 17.19
C ALA A 112 26.23 -5.25 16.24
N VAL A 113 26.54 -6.41 16.83
CA VAL A 113 26.66 -7.66 16.11
C VAL A 113 25.82 -8.71 16.83
N THR A 114 25.17 -9.57 16.07
CA THR A 114 24.27 -10.59 16.62
C THR A 114 24.79 -11.97 16.25
N ALA A 115 24.82 -12.87 17.23
CA ALA A 115 25.19 -14.26 17.01
C ALA A 115 23.95 -15.13 17.14
N ILE A 116 23.74 -16.00 16.16
CA ILE A 116 22.56 -16.87 16.09
C ILE A 116 23.01 -18.29 15.82
N ASP A 117 22.49 -19.23 16.59
CA ASP A 117 22.76 -20.65 16.36
C ASP A 117 22.09 -21.08 15.07
N ALA A 118 22.88 -21.61 14.12
CA ALA A 118 22.34 -21.96 12.82
C ALA A 118 21.48 -23.22 12.87
N LYS A 119 21.69 -24.09 13.87
CA LYS A 119 20.95 -25.35 13.93
C LYS A 119 19.59 -25.16 14.56
N THR A 120 19.53 -24.46 15.70
CA THR A 120 18.27 -24.24 16.40
C THR A 120 17.58 -22.96 15.97
N GLY A 121 18.34 -21.94 15.55
CA GLY A 121 17.79 -20.65 15.23
C GLY A 121 17.72 -19.69 16.41
N GLU A 122 18.23 -20.08 17.57
CA GLU A 122 18.16 -19.24 18.75
C GLU A 122 19.21 -18.14 18.70
N VAL A 123 18.79 -16.91 19.04
CA VAL A 123 19.72 -15.80 19.18
C VAL A 123 20.59 -16.05 20.40
N LYS A 124 21.90 -16.19 20.18
CA LYS A 124 22.80 -16.51 21.28
C LYS A 124 23.17 -15.28 22.10
N GLY A 125 23.18 -14.11 21.50
CA GLY A 125 23.53 -12.90 22.20
C GLY A 125 23.95 -11.82 21.24
N ARG A 126 24.21 -10.64 21.81
CA ARG A 126 24.61 -9.48 21.03
C ARG A 126 25.71 -8.73 21.75
N LEU A 127 26.42 -7.91 20.98
CA LEU A 127 27.51 -7.09 21.50
C LEU A 127 27.40 -5.72 20.83
N VAL A 128 27.31 -4.67 21.65
CA VAL A 128 27.27 -3.31 21.13
C VAL A 128 28.70 -2.87 20.86
N LEU A 129 28.97 -2.47 19.62
CA LEU A 129 30.33 -2.11 19.21
C LEU A 129 30.61 -0.62 19.32
N ASP A 130 29.58 0.22 19.34
CA ASP A 130 29.74 1.65 19.53
C ASP A 130 28.51 2.15 20.29
N ASP A 131 28.62 2.25 21.61
CA ASP A 131 27.52 2.64 22.46
C ASP A 131 27.33 4.15 22.56
N ARG A 132 28.08 4.94 21.78
CA ARG A 132 27.96 6.38 21.85
C ARG A 132 26.63 6.85 21.29
N LYS A 133 26.07 7.87 21.92
CA LYS A 133 24.83 8.47 21.44
C LYS A 133 25.11 9.41 20.28
N ARG A 134 24.25 9.34 19.26
CA ARG A 134 24.42 10.14 18.05
C ARG A 134 24.00 11.58 18.32
N THR A 135 24.93 12.51 18.14
CA THR A 135 24.66 13.92 18.17
C THR A 135 24.97 14.50 16.79
N GLU A 136 25.27 15.79 16.72
CA GLU A 136 25.68 16.39 15.45
C GLU A 136 27.18 16.28 15.21
N GLU A 137 27.97 16.23 16.29
CA GLU A 137 29.41 16.03 16.17
C GLU A 137 29.81 14.57 16.30
N VAL A 138 29.03 13.77 17.03
CA VAL A 138 29.35 12.37 17.25
C VAL A 138 28.52 11.51 16.31
N ARG A 139 29.19 10.82 15.40
CA ARG A 139 28.55 9.84 14.51
C ARG A 139 29.12 8.46 14.81
N PRO A 140 28.38 7.60 15.49
CA PRO A 140 28.95 6.29 15.87
C PRO A 140 29.29 5.44 14.65
N LEU A 141 30.36 4.68 14.76
CA LEU A 141 30.76 3.78 13.69
C LEU A 141 29.75 2.65 13.55
N GLN A 142 29.51 2.23 12.31
CA GLN A 142 28.52 1.22 12.02
C GLN A 142 29.17 -0.02 11.43
N PRO A 143 28.76 -1.21 11.85
CA PRO A 143 29.29 -2.43 11.25
C PRO A 143 28.89 -2.53 9.79
N ARG A 144 29.74 -3.17 9.00
CA ARG A 144 29.50 -3.32 7.57
C ARG A 144 29.67 -4.77 7.13
N GLU A 145 30.92 -5.22 7.03
CA GLU A 145 31.22 -6.58 6.64
C GLU A 145 31.67 -7.39 7.85
N LEU A 146 31.48 -8.70 7.79
CA LEU A 146 31.87 -9.60 8.86
C LEU A 146 32.50 -10.85 8.26
N VAL A 147 33.61 -11.28 8.85
CA VAL A 147 34.27 -12.54 8.50
C VAL A 147 34.59 -13.30 9.78
N ALA A 148 34.45 -14.62 9.73
CA ALA A 148 34.67 -15.48 10.88
C ALA A 148 35.87 -16.38 10.64
N ASP A 149 36.73 -16.49 11.65
CA ASP A 149 37.89 -17.39 11.61
C ASP A 149 37.50 -18.69 12.30
N ASP A 150 37.24 -19.73 11.49
CA ASP A 150 36.83 -21.01 12.04
C ASP A 150 37.91 -21.64 12.91
N ALA A 151 39.17 -21.27 12.72
CA ALA A 151 40.25 -21.90 13.48
C ALA A 151 40.36 -21.34 14.88
N THR A 152 40.18 -20.03 15.04
CA THR A 152 40.32 -19.38 16.33
C THR A 152 38.99 -18.91 16.92
N ASN A 153 37.88 -19.15 16.23
CA ASN A 153 36.56 -18.65 16.65
C ASN A 153 36.62 -17.15 16.94
N THR A 154 37.14 -16.40 15.98
CA THR A 154 37.26 -14.95 16.07
C THR A 154 36.44 -14.32 14.96
N VAL A 155 35.72 -13.25 15.30
CA VAL A 155 34.88 -12.53 14.36
C VAL A 155 35.51 -11.17 14.11
N TYR A 156 35.71 -10.83 12.83
CA TYR A 156 36.25 -9.54 12.44
C TYR A 156 35.14 -8.74 11.77
N ILE A 157 34.97 -7.50 12.21
CA ILE A 157 33.86 -6.65 11.77
C ILE A 157 34.43 -5.29 11.39
N SER A 158 34.13 -4.85 10.17
CA SER A 158 34.56 -3.53 9.71
C SER A 158 33.58 -2.48 10.21
N GLY A 159 34.08 -1.52 10.99
CA GLY A 159 33.26 -0.43 11.48
C GLY A 159 33.55 0.85 10.73
N ILE A 160 32.64 1.25 9.85
CA ILE A 160 32.92 2.30 8.88
C ILE A 160 32.53 3.66 9.44
N GLY A 161 33.08 4.69 8.82
CA GLY A 161 32.89 6.07 9.25
C GLY A 161 33.98 6.95 8.66
N LYS A 162 34.13 8.13 9.25
CA LYS A 162 35.22 9.01 8.83
C LYS A 162 36.57 8.40 9.16
N GLU A 163 36.73 7.89 10.38
CA GLU A 163 37.91 7.16 10.82
C GLU A 163 37.44 5.74 11.19
N SER A 164 37.54 4.83 10.23
CA SER A 164 37.02 3.48 10.40
C SER A 164 37.94 2.65 11.30
N VAL A 165 37.42 1.51 11.76
CA VAL A 165 38.17 0.55 12.56
C VAL A 165 37.78 -0.87 12.12
N ILE A 166 38.51 -1.84 12.67
CA ILE A 166 38.17 -3.26 12.57
C ILE A 166 37.96 -3.77 13.97
N TRP A 167 36.75 -4.24 14.25
CA TRP A 167 36.43 -4.82 15.56
C TRP A 167 36.81 -6.29 15.56
N VAL A 168 37.48 -6.73 16.62
CA VAL A 168 37.93 -8.11 16.78
C VAL A 168 37.14 -8.69 17.95
N VAL A 169 36.23 -9.61 17.63
CA VAL A 169 35.28 -10.13 18.60
C VAL A 169 35.64 -11.58 18.91
N ASP A 170 35.63 -11.93 20.20
CA ASP A 170 35.80 -13.30 20.63
C ASP A 170 34.48 -14.04 20.40
N GLY A 171 34.50 -15.02 19.49
CA GLY A 171 33.30 -15.78 19.21
C GLY A 171 32.84 -16.65 20.36
N GLY A 172 33.75 -17.01 21.27
CA GLY A 172 33.39 -17.90 22.36
C GLY A 172 32.39 -17.28 23.32
N ASN A 173 32.63 -16.03 23.72
CA ASN A 173 31.80 -15.38 24.72
C ASN A 173 31.20 -14.07 24.23
N ILE A 174 31.33 -13.76 22.94
CA ILE A 174 30.75 -12.57 22.32
C ILE A 174 31.24 -11.34 23.06
N LYS A 175 32.56 -11.21 23.20
CA LYS A 175 33.17 -10.07 23.86
C LYS A 175 34.19 -9.42 22.93
N LEU A 176 34.38 -8.11 23.11
CA LEU A 176 35.31 -7.36 22.27
C LEU A 176 36.73 -7.63 22.72
N LYS A 177 37.58 -8.03 21.78
CA LYS A 177 39.00 -8.20 22.08
C LYS A 177 39.76 -6.89 21.94
N THR A 178 39.63 -6.22 20.80
CA THR A 178 40.30 -4.95 20.54
C THR A 178 39.68 -4.33 19.30
N ALA A 179 40.09 -3.10 19.00
CA ALA A 179 39.63 -2.38 17.82
C ALA A 179 40.86 -1.86 17.07
N ILE A 180 41.14 -2.45 15.92
CA ILE A 180 42.28 -2.02 15.11
C ILE A 180 42.00 -0.63 14.55
N GLN A 181 42.91 0.30 14.82
CA GLN A 181 42.69 1.71 14.53
C GLN A 181 43.24 2.10 13.16
N ASN A 182 42.71 3.19 12.63
CA ASN A 182 43.26 3.88 11.45
C ASN A 182 43.21 3.01 10.20
N THR A 183 42.03 2.52 9.88
CA THR A 183 41.82 1.82 8.61
C THR A 183 41.35 2.75 7.49
N GLY A 184 41.19 4.04 7.78
CA GLY A 184 40.90 5.02 6.75
C GLY A 184 39.44 5.43 6.71
N LYS A 185 39.12 6.16 5.65
CA LYS A 185 37.77 6.66 5.42
C LYS A 185 36.92 5.58 4.76
N MET A 186 35.84 5.18 5.44
CA MET A 186 34.88 4.22 4.93
C MET A 186 35.58 2.92 4.51
N SER A 187 36.25 2.30 5.48
CA SER A 187 36.98 1.05 5.25
C SER A 187 35.98 -0.10 5.30
N THR A 188 35.21 -0.24 4.22
CA THR A 188 34.11 -1.19 4.18
C THR A 188 34.58 -2.62 3.94
N GLY A 189 35.51 -2.82 3.00
CA GLY A 189 35.87 -4.17 2.60
C GLY A 189 36.51 -4.95 3.73
N LEU A 190 36.39 -6.28 3.65
CA LEU A 190 36.94 -7.17 4.67
C LEU A 190 37.03 -8.57 4.10
N ALA A 191 38.21 -9.18 4.21
CA ALA A 191 38.44 -10.54 3.75
C ALA A 191 39.52 -11.18 4.61
N LEU A 192 39.37 -12.47 4.87
CA LEU A 192 40.22 -13.18 5.83
C LEU A 192 40.98 -14.31 5.15
N ASP A 193 42.27 -14.39 5.44
CA ASP A 193 43.12 -15.52 5.06
C ASP A 193 43.47 -16.23 6.37
N SER A 194 42.69 -17.28 6.69
CA SER A 194 42.81 -17.92 7.99
C SER A 194 44.17 -18.61 8.16
N GLU A 195 44.55 -19.46 7.21
CA GLU A 195 45.81 -20.18 7.32
C GLU A 195 46.99 -19.22 7.34
N GLY A 196 46.99 -18.23 6.43
CA GLY A 196 48.08 -17.28 6.37
C GLY A 196 48.07 -16.23 7.47
N LYS A 197 47.02 -16.22 8.30
CA LYS A 197 46.87 -15.26 9.40
C LYS A 197 46.96 -13.82 8.89
N ARG A 198 46.28 -13.56 7.77
CA ARG A 198 46.27 -12.26 7.14
C ARG A 198 44.83 -11.79 6.98
N LEU A 199 44.57 -10.55 7.38
CA LEU A 199 43.26 -9.92 7.23
C LEU A 199 43.40 -8.68 6.35
N TYR A 200 42.49 -8.53 5.39
CA TYR A 200 42.56 -7.45 4.42
C TYR A 200 41.31 -6.58 4.52
N THR A 201 41.48 -5.28 4.29
CA THR A 201 40.38 -4.34 4.25
C THR A 201 40.69 -3.26 3.24
N THR A 202 39.64 -2.73 2.61
CA THR A 202 39.76 -1.69 1.60
C THR A 202 38.83 -0.54 1.95
N ASN A 203 39.22 0.68 1.61
CA ASN A 203 38.52 1.88 2.05
C ASN A 203 38.30 2.84 0.88
N ALA A 204 37.72 4.00 1.20
CA ALA A 204 37.47 5.05 0.22
C ALA A 204 38.69 5.90 -0.05
N ASP A 205 39.79 5.70 0.68
CA ASP A 205 41.05 6.35 0.38
C ASP A 205 41.83 5.63 -0.71
N GLY A 206 41.24 4.60 -1.33
CA GLY A 206 41.88 3.91 -2.43
C GLY A 206 43.06 3.06 -2.05
N GLU A 207 43.15 2.60 -0.80
CA GLU A 207 44.27 1.81 -0.34
C GLU A 207 43.82 0.43 0.11
N LEU A 208 44.71 -0.54 -0.04
CA LEU A 208 44.53 -1.89 0.45
C LEU A 208 45.37 -2.07 1.71
N ILE A 209 44.72 -2.49 2.80
CA ILE A 209 45.37 -2.61 4.11
C ILE A 209 45.49 -4.08 4.47
N THR A 210 46.70 -4.51 4.82
CA THR A 210 46.98 -5.87 5.24
C THR A 210 47.24 -5.90 6.74
N ILE A 211 46.65 -6.88 7.42
CA ILE A 211 46.70 -6.98 8.87
C ILE A 211 47.16 -8.37 9.26
N ASP A 212 48.01 -8.44 10.29
CA ASP A 212 48.41 -9.71 10.89
C ASP A 212 47.38 -10.07 11.96
N THR A 213 46.68 -11.18 11.76
CA THR A 213 45.67 -11.60 12.73
C THR A 213 46.27 -12.19 14.00
N ALA A 214 47.58 -12.44 14.03
CA ALA A 214 48.21 -12.97 15.23
C ALA A 214 48.32 -11.91 16.32
N ASP A 215 48.40 -10.64 15.93
CA ASP A 215 48.50 -9.56 16.92
C ASP A 215 47.64 -8.35 16.57
N ASN A 216 46.80 -8.44 15.54
CA ASN A 216 45.85 -7.38 15.20
C ASN A 216 46.56 -6.05 14.91
N LYS A 217 47.61 -6.12 14.11
CA LYS A 217 48.41 -4.95 13.77
C LYS A 217 48.53 -4.84 12.26
N ILE A 218 48.46 -3.60 11.77
CA ILE A 218 48.57 -3.33 10.34
C ILE A 218 49.99 -3.60 9.89
N LEU A 219 50.15 -4.50 8.91
CA LEU A 219 51.45 -4.81 8.35
C LEU A 219 51.85 -3.87 7.21
N SER A 220 50.89 -3.43 6.40
CA SER A 220 51.19 -2.54 5.29
C SER A 220 49.89 -1.92 4.80
N ARG A 221 50.05 -0.83 4.05
CA ARG A 221 48.94 -0.25 3.29
C ARG A 221 49.51 0.35 2.02
N LYS A 222 48.83 0.13 0.90
CA LYS A 222 49.29 0.65 -0.38
C LYS A 222 48.12 1.20 -1.17
N LYS A 223 48.29 2.41 -1.70
CA LYS A 223 47.33 2.97 -2.64
C LYS A 223 47.44 2.22 -3.96
N LEU A 224 46.37 1.53 -4.36
CA LEU A 224 46.46 0.62 -5.49
C LEU A 224 46.54 1.35 -6.82
N LEU A 225 46.02 2.58 -6.88
CA LEU A 225 45.99 3.34 -8.11
C LEU A 225 46.50 4.75 -7.85
N ASP A 226 47.34 5.25 -8.75
CA ASP A 226 47.88 6.60 -8.63
C ASP A 226 47.54 7.39 -9.89
N ASP A 227 46.27 7.35 -10.29
CA ASP A 227 45.81 8.02 -11.50
C ASP A 227 45.13 9.36 -11.21
N GLY A 228 45.21 9.84 -9.97
CA GLY A 228 44.54 11.08 -9.62
C GLY A 228 43.03 11.00 -9.61
N LYS A 229 42.46 9.81 -9.68
CA LYS A 229 41.03 9.60 -9.69
C LYS A 229 40.57 9.10 -8.33
N GLU A 230 39.29 9.33 -8.03
CA GLU A 230 38.72 8.85 -6.79
C GLU A 230 38.31 7.39 -6.96
N HIS A 231 38.60 6.57 -5.94
CA HIS A 231 38.34 5.14 -6.00
C HIS A 231 37.79 4.69 -4.65
N PHE A 232 36.57 4.16 -4.66
CA PHE A 232 35.93 3.59 -3.48
C PHE A 232 35.98 2.07 -3.62
N PHE A 233 36.94 1.44 -2.94
CA PHE A 233 37.08 -0.01 -2.94
C PHE A 233 36.16 -0.57 -1.86
N ILE A 234 34.98 -1.03 -2.25
CA ILE A 234 33.94 -1.37 -1.29
C ILE A 234 34.09 -2.80 -0.76
N ASN A 235 34.42 -3.76 -1.63
CA ASN A 235 34.46 -5.15 -1.20
C ASN A 235 35.68 -5.84 -1.79
N ILE A 236 36.08 -6.93 -1.13
CA ILE A 236 37.26 -7.69 -1.52
C ILE A 236 37.00 -9.16 -1.21
N SER A 237 37.39 -10.03 -2.15
CA SER A 237 37.27 -11.47 -1.99
C SER A 237 38.60 -12.12 -2.40
N LEU A 238 39.01 -13.13 -1.64
CA LEU A 238 40.35 -13.68 -1.75
C LEU A 238 40.38 -14.99 -2.52
N ASP A 239 41.41 -15.16 -3.34
CA ASP A 239 41.85 -16.45 -3.87
C ASP A 239 43.15 -16.76 -3.14
N THR A 240 43.03 -17.40 -1.98
CA THR A 240 44.19 -17.63 -1.13
C THR A 240 45.18 -18.63 -1.74
N ALA A 241 44.68 -19.57 -2.55
CA ALA A 241 45.57 -20.56 -3.16
C ALA A 241 46.59 -19.90 -4.08
N ARG A 242 46.21 -18.82 -4.75
CA ARG A 242 47.12 -18.10 -5.63
C ARG A 242 47.52 -16.75 -5.06
N GLN A 243 47.15 -16.45 -3.82
CA GLN A 243 47.57 -15.24 -3.12
C GLN A 243 47.18 -13.98 -3.88
N ARG A 244 45.93 -13.94 -4.35
CA ARG A 244 45.41 -12.80 -5.07
C ARG A 244 44.04 -12.43 -4.52
N ALA A 245 43.65 -11.18 -4.77
CA ALA A 245 42.40 -10.63 -4.25
C ALA A 245 41.65 -9.92 -5.37
N PHE A 246 40.32 -10.03 -5.33
CA PHE A 246 39.43 -9.35 -6.25
C PHE A 246 38.73 -8.22 -5.50
N ILE A 247 38.86 -7.00 -6.01
CA ILE A 247 38.42 -5.80 -5.31
C ILE A 247 37.48 -5.00 -6.20
N THR A 248 36.31 -4.66 -5.66
CA THR A 248 35.31 -3.88 -6.38
C THR A 248 35.58 -2.39 -6.23
N ASP A 249 35.03 -1.61 -7.16
CA ASP A 249 35.16 -0.16 -7.15
C ASP A 249 33.83 0.45 -7.58
N SER A 250 33.24 1.28 -6.73
CA SER A 250 31.99 1.95 -7.03
C SER A 250 32.16 3.26 -7.77
N LYS A 251 33.39 3.75 -7.92
CA LYS A 251 33.65 5.00 -8.62
C LYS A 251 34.23 4.80 -10.02
N ALA A 252 34.80 3.63 -10.30
CA ALA A 252 35.40 3.34 -11.60
C ALA A 252 34.75 2.11 -12.19
N ALA A 253 34.83 2.00 -13.52
CA ALA A 253 34.21 0.91 -14.26
C ALA A 253 35.21 -0.21 -14.55
N GLU A 254 35.91 -0.68 -13.52
CA GLU A 254 36.81 -1.82 -13.67
C GLU A 254 37.00 -2.48 -12.32
N VAL A 255 37.10 -3.82 -12.33
CA VAL A 255 37.35 -4.61 -11.13
C VAL A 255 38.84 -4.94 -11.08
N LEU A 256 39.43 -4.80 -9.89
CA LEU A 256 40.86 -4.98 -9.71
C LEU A 256 41.18 -6.39 -9.24
N VAL A 257 42.22 -6.97 -9.80
CA VAL A 257 42.82 -8.21 -9.33
C VAL A 257 44.21 -7.88 -8.81
N VAL A 258 44.45 -8.14 -7.53
CA VAL A 258 45.63 -7.64 -6.84
C VAL A 258 46.39 -8.80 -6.21
N ASP A 259 47.71 -8.77 -6.33
CA ASP A 259 48.57 -9.76 -5.68
C ASP A 259 48.70 -9.40 -4.21
N THR A 260 48.28 -10.30 -3.33
CA THR A 260 48.22 -10.00 -1.90
C THR A 260 49.59 -9.94 -1.24
N ARG A 261 50.66 -10.33 -1.94
CA ARG A 261 51.99 -10.28 -1.33
C ARG A 261 52.57 -8.87 -1.34
N ASN A 262 52.28 -8.09 -2.38
CA ASN A 262 52.88 -6.76 -2.52
C ASN A 262 51.90 -5.70 -2.98
N GLY A 263 50.67 -6.05 -3.30
CA GLY A 263 49.69 -5.07 -3.73
C GLY A 263 49.80 -4.66 -5.19
N ASN A 264 50.61 -5.35 -5.98
CA ASN A 264 50.73 -5.01 -7.39
C ASN A 264 49.48 -5.48 -8.13
N ILE A 265 49.08 -4.72 -9.15
CA ILE A 265 47.84 -4.99 -9.84
C ILE A 265 48.07 -6.04 -10.93
N LEU A 266 47.37 -7.17 -10.83
CA LEU A 266 47.49 -8.25 -11.80
C LEU A 266 46.60 -8.06 -13.01
N ALA A 267 45.45 -7.42 -12.87
CA ALA A 267 44.53 -7.26 -13.99
C ALA A 267 43.52 -6.16 -13.69
N LYS A 268 42.97 -5.60 -14.75
CA LYS A 268 41.87 -4.65 -14.68
C LYS A 268 40.75 -5.19 -15.57
N VAL A 269 39.74 -5.79 -14.94
CA VAL A 269 38.63 -6.39 -15.67
C VAL A 269 37.59 -5.31 -15.93
N ALA A 270 37.28 -5.07 -17.21
CA ALA A 270 36.29 -4.06 -17.57
C ALA A 270 34.89 -4.56 -17.24
N ALA A 271 34.19 -3.80 -16.40
CA ALA A 271 32.84 -4.14 -15.98
C ALA A 271 32.18 -2.89 -15.45
N PRO A 272 30.84 -2.85 -15.38
CA PRO A 272 30.18 -1.70 -14.76
C PRO A 272 30.62 -1.51 -13.32
N GLU A 273 30.23 -0.35 -12.75
CA GLU A 273 30.53 -0.07 -11.37
C GLU A 273 30.02 -1.17 -10.46
N SER A 274 30.84 -1.58 -9.51
CA SER A 274 30.67 -2.84 -8.80
C SER A 274 30.48 -2.61 -7.31
N LEU A 275 29.81 -3.56 -6.67
CA LEU A 275 29.55 -3.51 -5.23
C LEU A 275 30.15 -4.73 -4.54
N ALA A 276 29.54 -5.90 -4.69
CA ALA A 276 29.99 -7.12 -4.03
C ALA A 276 30.82 -7.97 -4.98
N VAL A 277 31.70 -8.78 -4.42
CA VAL A 277 32.55 -9.69 -5.20
C VAL A 277 32.75 -10.97 -4.39
N LEU A 278 32.64 -12.11 -5.06
CA LEU A 278 32.82 -13.41 -4.44
C LEU A 278 33.57 -14.33 -5.39
N PHE A 279 34.75 -14.78 -4.97
CA PHE A 279 35.56 -15.68 -5.78
C PHE A 279 35.16 -17.11 -5.52
N ASN A 280 35.08 -17.90 -6.59
CA ASN A 280 34.69 -19.30 -6.51
C ASN A 280 35.90 -20.17 -6.86
N PRO A 281 36.59 -20.75 -5.87
CA PRO A 281 37.75 -21.59 -6.20
C PRO A 281 37.39 -22.86 -6.95
N ALA A 282 36.18 -23.39 -6.76
CA ALA A 282 35.78 -24.60 -7.45
C ALA A 282 35.64 -24.41 -8.96
N ARG A 283 35.46 -23.17 -9.41
CA ARG A 283 35.30 -22.87 -10.83
C ARG A 283 36.31 -21.84 -11.33
N ASN A 284 37.16 -21.30 -10.46
CA ASN A 284 38.11 -20.26 -10.82
C ASN A 284 37.41 -19.07 -11.48
N GLU A 285 36.36 -18.60 -10.83
CA GLU A 285 35.58 -17.47 -11.30
C GLU A 285 35.32 -16.51 -10.15
N ALA A 286 35.05 -15.26 -10.50
CA ALA A 286 34.63 -14.24 -9.54
C ALA A 286 33.31 -13.65 -10.01
N TYR A 287 32.35 -13.54 -9.11
CA TYR A 287 31.04 -12.98 -9.40
C TYR A 287 30.93 -11.60 -8.77
N VAL A 288 30.33 -10.68 -9.51
CA VAL A 288 30.33 -9.26 -9.13
C VAL A 288 28.93 -8.69 -9.38
N THR A 289 28.38 -8.03 -8.36
CA THR A 289 27.08 -7.37 -8.50
C THR A 289 27.26 -5.96 -9.03
N HIS A 290 26.33 -5.54 -9.88
CA HIS A 290 26.29 -4.18 -10.42
C HIS A 290 24.94 -3.59 -10.03
N ARG A 291 24.94 -2.81 -8.94
CA ARG A 291 23.68 -2.28 -8.41
C ARG A 291 22.98 -1.38 -9.41
N GLN A 292 23.68 -0.37 -9.92
CA GLN A 292 23.05 0.58 -10.84
C GLN A 292 22.73 -0.07 -12.17
N ALA A 293 23.62 -0.94 -12.66
CA ALA A 293 23.37 -1.59 -13.94
C ALA A 293 22.31 -2.69 -13.84
N GLY A 294 22.08 -3.22 -12.64
CA GLY A 294 21.12 -4.29 -12.45
C GLY A 294 21.56 -5.61 -13.06
N LYS A 295 22.84 -5.95 -12.90
CA LYS A 295 23.43 -7.11 -13.56
C LYS A 295 24.44 -7.76 -12.62
N VAL A 296 24.78 -9.01 -12.92
CA VAL A 296 25.85 -9.71 -12.22
C VAL A 296 26.82 -10.27 -13.25
N SER A 297 28.10 -9.95 -13.09
CA SER A 297 29.14 -10.37 -14.02
C SER A 297 29.88 -11.60 -13.51
N VAL A 298 30.23 -12.48 -14.44
CA VAL A 298 31.08 -13.63 -14.17
C VAL A 298 32.45 -13.34 -14.76
N ILE A 299 33.47 -13.24 -13.91
CA ILE A 299 34.83 -12.95 -14.34
C ILE A 299 35.63 -14.26 -14.35
N ASP A 300 36.11 -14.65 -15.52
CA ASP A 300 37.04 -15.77 -15.61
C ASP A 300 38.40 -15.33 -15.07
N ALA A 301 38.86 -15.97 -14.00
CA ALA A 301 40.06 -15.55 -13.31
C ALA A 301 41.34 -16.08 -13.95
N LYS A 302 41.25 -16.75 -15.10
CA LYS A 302 42.43 -17.13 -15.87
C LYS A 302 42.72 -16.16 -16.99
N SER A 303 41.69 -15.76 -17.75
CA SER A 303 41.84 -14.78 -18.81
C SER A 303 41.54 -13.36 -18.34
N TYR A 304 41.00 -13.19 -17.14
CA TYR A 304 40.66 -11.88 -16.58
C TYR A 304 39.72 -11.12 -17.53
N LYS A 305 38.66 -11.80 -17.94
CA LYS A 305 37.66 -11.25 -18.83
C LYS A 305 36.28 -11.60 -18.30
N VAL A 306 35.32 -10.72 -18.55
CA VAL A 306 33.92 -11.02 -18.27
C VAL A 306 33.42 -11.95 -19.36
N VAL A 307 33.01 -13.16 -18.96
CA VAL A 307 32.57 -14.17 -19.92
C VAL A 307 31.07 -14.41 -19.87
N LYS A 308 30.37 -13.83 -18.90
CA LYS A 308 28.93 -14.02 -18.78
C LYS A 308 28.38 -12.92 -17.88
N THR A 309 27.19 -12.43 -18.22
CA THR A 309 26.51 -11.40 -17.45
C THR A 309 25.09 -11.87 -17.17
N PHE A 310 24.72 -11.89 -15.89
CA PHE A 310 23.39 -12.33 -15.49
C PHE A 310 22.47 -11.13 -15.29
N ASP A 311 21.25 -11.25 -15.79
CA ASP A 311 20.26 -10.19 -15.70
C ASP A 311 19.54 -10.30 -14.36
N THR A 312 19.87 -9.40 -13.43
CA THR A 312 19.23 -9.34 -12.11
C THR A 312 18.64 -7.95 -11.91
N PRO A 313 17.59 -7.60 -12.66
CA PRO A 313 17.11 -6.21 -12.69
C PRO A 313 16.77 -5.65 -11.32
N THR A 314 16.94 -4.33 -11.21
CA THR A 314 16.72 -3.55 -10.01
C THR A 314 17.67 -3.95 -8.89
N HIS A 315 18.79 -3.23 -8.82
CA HIS A 315 19.82 -3.27 -7.79
C HIS A 315 20.10 -4.63 -7.16
N PRO A 316 20.98 -5.43 -7.74
CA PRO A 316 21.52 -6.59 -7.01
C PRO A 316 22.44 -6.11 -5.90
N ASN A 317 22.54 -6.89 -4.84
CA ASN A 317 23.25 -6.42 -3.66
C ASN A 317 24.36 -7.36 -3.23
N SER A 318 23.99 -8.51 -2.64
CA SER A 318 24.97 -9.39 -2.02
C SER A 318 24.99 -10.75 -2.74
N LEU A 319 26.05 -11.49 -2.46
CA LEU A 319 26.30 -12.78 -3.10
C LEU A 319 26.59 -13.85 -2.06
N ALA A 320 26.22 -15.08 -2.39
CA ALA A 320 26.54 -16.23 -1.55
C ALA A 320 26.67 -17.46 -2.44
N LEU A 321 27.55 -18.37 -2.05
CA LEU A 321 27.82 -19.59 -2.81
C LEU A 321 27.53 -20.81 -1.94
N SER A 322 26.96 -21.84 -2.57
CA SER A 322 26.86 -23.14 -1.92
C SER A 322 28.27 -23.71 -1.70
N ALA A 323 28.35 -24.67 -0.78
CA ALA A 323 29.65 -25.22 -0.39
C ALA A 323 30.37 -25.85 -1.56
N ASP A 324 29.65 -26.49 -2.48
CA ASP A 324 30.28 -27.14 -3.61
C ASP A 324 30.61 -26.17 -4.74
N GLY A 325 30.25 -24.90 -4.63
CA GLY A 325 30.58 -23.94 -5.66
C GLY A 325 29.76 -24.04 -6.93
N LYS A 326 28.66 -24.79 -6.91
CA LYS A 326 27.85 -24.99 -8.10
C LYS A 326 26.60 -24.11 -8.15
N THR A 327 26.26 -23.43 -7.06
CA THR A 327 25.05 -22.62 -7.01
C THR A 327 25.40 -21.24 -6.46
N LEU A 328 25.06 -20.20 -7.21
CA LEU A 328 25.24 -18.82 -6.78
C LEU A 328 23.91 -18.22 -6.34
N TYR A 329 23.95 -17.46 -5.26
CA TYR A 329 22.77 -16.80 -4.70
C TYR A 329 22.98 -15.30 -4.70
N VAL A 330 22.00 -14.56 -5.20
CA VAL A 330 22.08 -13.11 -5.33
C VAL A 330 20.85 -12.50 -4.66
N SER A 331 21.07 -11.60 -3.69
CA SER A 331 19.98 -10.83 -3.12
C SER A 331 19.73 -9.62 -4.00
N VAL A 332 18.46 -9.43 -4.41
CA VAL A 332 18.08 -8.42 -5.39
C VAL A 332 17.04 -7.51 -4.73
N LYS A 333 17.35 -6.22 -4.66
CA LYS A 333 16.54 -5.27 -3.92
C LYS A 333 15.69 -4.41 -4.86
N GLN A 334 14.51 -4.04 -4.39
CA GLN A 334 13.68 -3.09 -5.11
C GLN A 334 14.24 -1.68 -4.96
N LYS A 335 13.80 -0.79 -5.86
CA LYS A 335 14.13 0.62 -5.72
C LYS A 335 13.44 1.19 -4.48
N SER A 336 14.23 1.72 -3.56
CA SER A 336 13.72 2.33 -2.34
C SER A 336 14.56 3.53 -1.99
N THR A 337 13.91 4.63 -1.65
CA THR A 337 14.57 5.88 -1.34
C THR A 337 14.40 6.23 0.13
N LYS A 338 15.14 7.26 0.56
CA LYS A 338 14.99 7.77 1.91
C LYS A 338 13.62 8.39 2.14
N GLN A 339 12.95 8.83 1.07
CA GLN A 339 11.62 9.43 1.15
C GLN A 339 10.50 8.45 0.84
N GLN A 340 10.71 7.54 -0.12
CA GLN A 340 9.67 6.61 -0.55
C GLN A 340 10.23 5.20 -0.50
N GLU A 341 9.67 4.39 0.39
CA GLU A 341 10.08 3.00 0.50
C GLU A 341 9.44 2.16 -0.61
N ALA A 342 9.99 0.97 -0.79
CA ALA A 342 9.44 0.03 -1.75
C ALA A 342 8.20 -0.65 -1.17
N THR A 343 7.19 -0.82 -1.99
CA THR A 343 5.97 -1.51 -1.57
C THR A 343 6.04 -3.01 -1.79
N GLN A 344 7.03 -3.49 -2.54
CA GLN A 344 7.21 -4.91 -2.79
C GLN A 344 8.42 -5.44 -2.03
N PRO A 345 8.39 -6.72 -1.64
CA PRO A 345 9.56 -7.30 -0.98
C PRO A 345 10.71 -7.49 -1.94
N ASP A 346 11.91 -7.62 -1.37
CA ASP A 346 13.09 -7.93 -2.18
C ASP A 346 13.10 -9.41 -2.55
N ASP A 347 14.01 -9.76 -3.45
CA ASP A 347 14.07 -11.11 -3.99
C ASP A 347 15.44 -11.74 -3.74
N VAL A 348 15.47 -13.06 -3.81
CA VAL A 348 16.71 -13.82 -3.90
C VAL A 348 16.68 -14.59 -5.21
N ILE A 349 17.78 -14.53 -5.95
CA ILE A 349 17.91 -15.23 -7.22
C ILE A 349 18.89 -16.37 -7.05
N ARG A 350 18.45 -17.58 -7.38
CA ARG A 350 19.29 -18.78 -7.33
C ARG A 350 19.75 -19.11 -8.75
N ILE A 351 21.05 -19.11 -8.96
CA ILE A 351 21.65 -19.32 -10.28
C ILE A 351 22.44 -20.61 -10.25
N ALA A 352 22.01 -21.59 -11.06
CA ALA A 352 22.74 -22.84 -11.22
C ALA A 352 23.92 -22.58 -12.14
N LEU A 353 25.14 -22.64 -11.59
CA LEU A 353 26.33 -22.31 -12.35
C LEU A 353 26.71 -23.42 -13.32
N GLU B 33 -21.58 -2.07 17.53
CA GLU B 33 -20.68 -2.13 16.37
C GLU B 33 -19.45 -2.98 16.66
N MET B 34 -19.14 -3.89 15.74
CA MET B 34 -18.01 -4.80 15.89
C MET B 34 -17.17 -4.72 14.62
N LEU B 35 -15.85 -4.71 14.80
CA LEU B 35 -14.89 -4.67 13.70
C LEU B 35 -13.87 -5.77 13.89
N ARG B 36 -13.81 -6.69 12.93
CA ARG B 36 -12.84 -7.77 12.95
C ARG B 36 -11.72 -7.45 11.96
N LYS B 37 -10.48 -7.61 12.42
CA LYS B 37 -9.31 -7.27 11.61
C LYS B 37 -8.22 -8.28 11.86
N ALA B 38 -7.67 -8.84 10.78
CA ALA B 38 -6.56 -9.77 10.90
C ALA B 38 -5.29 -9.03 11.29
N VAL B 39 -4.55 -9.60 12.24
CA VAL B 39 -3.31 -8.99 12.70
C VAL B 39 -2.14 -9.94 12.44
N GLY B 40 -2.16 -11.11 13.05
CA GLY B 40 -1.08 -12.05 12.88
C GLY B 40 -1.36 -13.34 13.62
N LYS B 41 -0.43 -14.29 13.46
CA LYS B 41 -0.57 -15.61 14.04
C LYS B 41 -0.16 -15.59 15.51
N GLY B 42 -0.82 -16.42 16.31
CA GLY B 42 -0.48 -16.56 17.72
C GLY B 42 -0.80 -15.35 18.56
N ALA B 43 -1.96 -14.73 18.36
CA ALA B 43 -2.33 -13.57 19.14
C ALA B 43 -2.71 -13.98 20.56
N TYR B 44 -2.30 -13.15 21.53
CA TYR B 44 -2.68 -13.39 22.92
C TYR B 44 -3.12 -12.10 23.61
N GLU B 45 -2.34 -11.62 24.57
CA GLU B 45 -2.78 -10.52 25.41
C GLU B 45 -2.46 -9.17 24.78
N MET B 46 -3.06 -8.12 25.35
CA MET B 46 -3.04 -6.79 24.76
C MET B 46 -2.80 -5.76 25.85
N ALA B 47 -2.55 -4.52 25.43
CA ALA B 47 -2.39 -3.40 26.35
C ALA B 47 -2.75 -2.11 25.62
N TYR B 48 -3.29 -1.16 26.37
CA TYR B 48 -3.77 0.10 25.81
C TYR B 48 -3.06 1.28 26.48
N SER B 49 -2.75 2.31 25.69
CA SER B 49 -2.10 3.51 26.21
C SER B 49 -2.95 4.71 25.83
N GLN B 50 -3.40 5.45 26.85
CA GLN B 50 -4.10 6.71 26.60
C GLN B 50 -3.17 7.77 26.01
N GLN B 51 -1.94 7.86 26.52
CA GLN B 51 -1.02 8.87 26.04
C GLN B 51 -0.67 8.67 24.57
N GLU B 52 -0.34 7.44 24.19
CA GLU B 52 0.04 7.16 22.81
C GLU B 52 -1.14 6.99 21.88
N ASN B 53 -2.36 6.88 22.41
CA ASN B 53 -3.56 6.61 21.62
C ASN B 53 -3.33 5.42 20.69
N ALA B 54 -2.92 4.31 21.31
CA ALA B 54 -2.52 3.14 20.56
C ALA B 54 -2.86 1.89 21.34
N LEU B 55 -2.94 0.77 20.62
CA LEU B 55 -3.21 -0.55 21.18
C LEU B 55 -2.11 -1.49 20.73
N TRP B 56 -1.64 -2.35 21.64
CA TRP B 56 -0.59 -3.30 21.35
C TRP B 56 -1.11 -4.72 21.51
N LEU B 57 -0.69 -5.60 20.61
CA LEU B 57 -1.05 -7.01 20.64
C LEU B 57 0.22 -7.86 20.57
N ALA B 58 0.36 -8.78 21.51
CA ALA B 58 1.46 -9.73 21.50
C ALA B 58 1.11 -10.92 20.62
N THR B 59 2.00 -11.25 19.69
CA THR B 59 1.82 -12.41 18.83
C THR B 59 3.06 -13.29 18.89
N SER B 60 2.85 -14.59 19.03
CA SER B 60 3.94 -15.55 19.02
C SER B 60 4.25 -16.07 17.63
N GLN B 61 3.46 -15.68 16.62
CA GLN B 61 3.63 -16.12 15.24
C GLN B 61 3.48 -17.63 15.16
N SER B 62 4.06 -18.24 14.12
CA SER B 62 3.99 -19.68 13.94
C SER B 62 4.92 -20.40 14.91
N ARG B 63 4.41 -21.48 15.53
CA ARG B 63 5.22 -22.22 16.49
C ARG B 63 6.34 -22.98 15.80
N LYS B 64 6.14 -23.39 14.55
CA LYS B 64 7.14 -24.18 13.83
C LYS B 64 8.03 -23.32 12.94
N LEU B 65 7.48 -22.32 12.26
CA LEU B 65 8.25 -21.57 11.28
C LEU B 65 8.99 -20.38 11.86
N ASP B 66 8.44 -19.74 12.89
CA ASP B 66 8.98 -18.48 13.41
C ASP B 66 9.75 -18.70 14.71
N LYS B 67 10.96 -18.13 14.76
CA LYS B 67 11.73 -18.06 16.00
C LYS B 67 11.55 -16.66 16.57
N GLY B 68 10.95 -16.58 17.76
CA GLY B 68 10.58 -15.30 18.31
C GLY B 68 9.19 -14.88 17.85
N GLY B 69 8.82 -13.65 18.21
CA GLY B 69 7.51 -13.16 17.86
C GLY B 69 7.48 -11.69 17.50
N VAL B 70 6.28 -11.12 17.39
CA VAL B 70 6.10 -9.73 16.99
C VAL B 70 5.07 -9.10 17.90
N VAL B 71 5.38 -7.90 18.40
CA VAL B 71 4.42 -7.06 19.10
C VAL B 71 3.88 -6.05 18.09
N TYR B 72 2.58 -6.10 17.83
CA TYR B 72 1.95 -5.25 16.84
C TYR B 72 1.33 -4.03 17.52
N ARG B 73 1.63 -2.85 16.97
CA ARG B 73 0.98 -1.61 17.38
C ARG B 73 -0.21 -1.36 16.46
N LEU B 74 -1.38 -1.16 17.06
CA LEU B 74 -2.62 -1.09 16.31
C LEU B 74 -3.29 0.26 16.50
N ASP B 75 -3.91 0.76 15.43
CA ASP B 75 -4.75 1.94 15.52
C ASP B 75 -6.00 1.61 16.33
N PRO B 76 -6.30 2.36 17.39
CA PRO B 76 -7.44 1.98 18.25
C PRO B 76 -8.79 2.08 17.59
N VAL B 77 -8.90 2.71 16.42
CA VAL B 77 -10.16 2.84 15.70
C VAL B 77 -10.27 1.86 14.55
N THR B 78 -9.22 1.75 13.74
CA THR B 78 -9.25 0.92 12.54
C THR B 78 -8.53 -0.41 12.71
N LEU B 79 -7.77 -0.59 13.79
CA LEU B 79 -7.00 -1.81 14.05
C LEU B 79 -5.96 -2.08 12.98
N GLU B 80 -5.54 -1.06 12.24
CA GLU B 80 -4.48 -1.21 11.27
C GLU B 80 -3.12 -1.20 11.97
N VAL B 81 -2.22 -2.06 11.52
CA VAL B 81 -0.88 -2.12 12.09
C VAL B 81 -0.13 -0.83 11.78
N THR B 82 0.23 -0.10 12.83
CA THR B 82 1.03 1.11 12.67
C THR B 82 2.49 0.90 13.06
N GLN B 83 2.83 -0.22 13.69
CA GLN B 83 4.21 -0.56 13.99
C GLN B 83 4.29 -2.05 14.28
N ALA B 84 5.36 -2.69 13.81
CA ALA B 84 5.61 -4.11 14.03
C ALA B 84 6.94 -4.24 14.76
N ILE B 85 6.89 -4.62 16.02
CA ILE B 85 8.09 -4.74 16.86
C ILE B 85 8.50 -6.20 16.89
N HIS B 86 9.57 -6.54 16.17
CA HIS B 86 10.08 -7.90 16.13
C HIS B 86 10.84 -8.21 17.42
N ASN B 87 10.57 -9.39 17.99
CA ASN B 87 11.17 -9.85 19.24
C ASN B 87 11.80 -11.22 19.04
N ASP B 88 13.00 -11.40 19.60
CA ASP B 88 13.63 -12.72 19.51
C ASP B 88 13.05 -13.71 20.50
N LEU B 89 12.32 -13.24 21.50
CA LEU B 89 11.52 -14.12 22.36
C LEU B 89 10.04 -13.87 22.06
N LYS B 90 9.27 -14.95 22.03
CA LYS B 90 7.85 -14.84 21.70
C LYS B 90 7.11 -14.17 22.85
N PRO B 91 6.33 -13.14 22.58
CA PRO B 91 5.53 -12.50 23.64
C PRO B 91 4.14 -13.13 23.75
N PHE B 92 3.67 -13.20 24.99
CA PHE B 92 2.35 -13.79 25.27
C PHE B 92 1.52 -12.87 26.14
N GLY B 93 1.76 -12.87 27.45
CA GLY B 93 1.08 -11.94 28.33
C GLY B 93 1.52 -10.51 28.08
N ALA B 94 0.68 -9.58 28.52
CA ALA B 94 0.92 -8.16 28.25
C ALA B 94 0.33 -7.29 29.34
N THR B 95 1.05 -6.23 29.67
CA THR B 95 0.55 -5.17 30.54
C THR B 95 1.35 -3.91 30.22
N ILE B 96 0.92 -2.78 30.77
CA ILE B 96 1.57 -1.51 30.54
C ILE B 96 1.64 -0.73 31.85
N ASN B 97 2.79 -0.11 32.09
CA ASN B 97 2.94 0.87 33.17
C ASN B 97 2.59 2.23 32.59
N ASN B 98 1.42 2.77 32.97
CA ASN B 98 0.96 4.03 32.39
C ASN B 98 1.80 5.22 32.83
N THR B 99 2.52 5.10 33.94
CA THR B 99 3.35 6.20 34.41
C THR B 99 4.63 6.31 33.59
N THR B 100 5.33 5.19 33.40
CA THR B 100 6.55 5.16 32.62
C THR B 100 6.31 4.91 31.14
N GLN B 101 5.08 4.59 30.75
CA GLN B 101 4.75 4.22 29.36
C GLN B 101 5.66 3.10 28.87
N THR B 102 5.75 2.04 29.67
CA THR B 102 6.60 0.89 29.38
C THR B 102 5.73 -0.35 29.28
N LEU B 103 5.78 -1.01 28.13
CA LEU B 103 5.06 -2.26 27.93
C LEU B 103 5.85 -3.42 28.53
N TRP B 104 5.15 -4.35 29.16
CA TRP B 104 5.78 -5.52 29.77
C TRP B 104 5.10 -6.76 29.23
N PHE B 105 5.88 -7.65 28.62
CA PHE B 105 5.38 -8.84 27.96
C PHE B 105 6.00 -10.08 28.60
N GLY B 106 5.18 -11.12 28.74
CA GLY B 106 5.63 -12.38 29.28
C GLY B 106 6.09 -13.32 28.18
N ASN B 107 7.31 -13.83 28.32
CA ASN B 107 7.88 -14.78 27.37
C ASN B 107 7.66 -16.17 27.94
N THR B 108 6.50 -16.77 27.61
CA THR B 108 6.08 -18.01 28.26
C THR B 108 7.02 -19.16 27.94
N VAL B 109 7.34 -19.36 26.65
CA VAL B 109 8.18 -20.51 26.27
C VAL B 109 9.66 -20.28 26.54
N ASN B 110 10.03 -19.14 27.11
CA ASN B 110 11.42 -18.86 27.45
C ASN B 110 11.61 -18.54 28.92
N SER B 111 10.54 -18.50 29.72
CA SER B 111 10.62 -18.18 31.15
C SER B 111 11.29 -16.83 31.38
N ALA B 112 10.82 -15.82 30.66
CA ALA B 112 11.41 -14.49 30.71
C ALA B 112 10.31 -13.43 30.59
N VAL B 113 10.71 -12.18 30.82
CA VAL B 113 9.84 -11.02 30.68
C VAL B 113 10.56 -9.97 29.84
N THR B 114 9.83 -9.27 28.99
CA THR B 114 10.38 -8.27 28.08
C THR B 114 9.76 -6.91 28.38
N ALA B 115 10.61 -5.88 28.44
CA ALA B 115 10.17 -4.50 28.61
C ALA B 115 10.40 -3.74 27.30
N ILE B 116 9.36 -3.02 26.86
CA ILE B 116 9.40 -2.30 25.59
C ILE B 116 8.90 -0.88 25.82
N ASP B 117 9.65 0.10 25.33
CA ASP B 117 9.21 1.49 25.40
C ASP B 117 8.02 1.68 24.46
N ALA B 118 6.90 2.15 25.01
CA ALA B 118 5.68 2.27 24.21
C ALA B 118 5.75 3.41 23.21
N LYS B 119 6.58 4.43 23.47
CA LYS B 119 6.63 5.59 22.60
C LYS B 119 7.51 5.35 21.37
N THR B 120 8.72 4.82 21.59
CA THR B 120 9.64 4.56 20.49
C THR B 120 9.50 3.17 19.90
N GLY B 121 9.06 2.19 20.69
CA GLY B 121 9.01 0.82 20.26
C GLY B 121 10.28 0.04 20.50
N GLU B 122 11.27 0.64 21.14
CA GLU B 122 12.55 -0.03 21.37
C GLU B 122 12.45 -1.03 22.51
N VAL B 123 13.03 -2.21 22.29
CA VAL B 123 13.15 -3.21 23.35
C VAL B 123 14.15 -2.70 24.37
N LYS B 124 13.68 -2.46 25.60
CA LYS B 124 14.55 -1.90 26.64
C LYS B 124 15.42 -2.97 27.29
N GLY B 125 14.96 -4.20 27.35
CA GLY B 125 15.72 -5.25 27.99
C GLY B 125 14.82 -6.40 28.37
N ARG B 126 15.45 -7.45 28.88
CA ARG B 126 14.75 -8.66 29.28
C ARG B 126 15.35 -9.21 30.57
N LEU B 127 14.57 -10.06 31.23
CA LEU B 127 14.98 -10.71 32.46
C LEU B 127 14.53 -12.16 32.43
N VAL B 128 15.48 -13.08 32.57
CA VAL B 128 15.17 -14.50 32.63
C VAL B 128 14.72 -14.83 34.05
N LEU B 129 13.51 -15.36 34.18
CA LEU B 129 12.92 -15.63 35.49
C LEU B 129 13.16 -17.05 35.96
N ASP B 130 13.43 -17.99 35.05
CA ASP B 130 13.76 -19.36 35.43
C ASP B 130 14.77 -19.87 34.40
N ASP B 131 16.05 -19.78 34.74
CA ASP B 131 17.13 -20.15 33.82
C ASP B 131 17.43 -21.64 33.83
N ARG B 132 16.64 -22.45 34.53
CA ARG B 132 16.91 -23.89 34.58
C ARG B 132 16.65 -24.50 33.21
N LYS B 133 17.52 -25.42 32.81
CA LYS B 133 17.32 -26.11 31.55
C LYS B 133 16.31 -27.22 31.75
N ARG B 134 15.40 -27.36 30.79
CA ARG B 134 14.29 -28.29 30.89
C ARG B 134 14.77 -29.72 30.65
N THR B 135 14.57 -30.58 31.65
CA THR B 135 14.82 -32.01 31.55
C THR B 135 13.48 -32.74 31.68
N GLU B 136 13.53 -33.99 32.11
CA GLU B 136 12.31 -34.74 32.37
C GLU B 136 11.81 -34.53 33.80
N GLU B 137 12.72 -34.24 34.73
CA GLU B 137 12.33 -33.96 36.11
C GLU B 137 12.17 -32.48 36.37
N VAL B 138 12.91 -31.63 35.65
CA VAL B 138 12.89 -30.19 35.84
C VAL B 138 12.02 -29.56 34.76
N ARG B 139 10.92 -28.96 35.17
CA ARG B 139 10.06 -28.19 34.26
C ARG B 139 10.07 -26.74 34.72
N PRO B 140 10.77 -25.84 34.01
CA PRO B 140 10.88 -24.46 34.47
C PRO B 140 9.52 -23.77 34.52
N LEU B 141 9.35 -22.91 35.51
CA LEU B 141 8.12 -22.14 35.64
C LEU B 141 8.00 -21.15 34.50
N GLN B 142 6.78 -20.94 34.02
CA GLN B 142 6.55 -20.09 32.88
C GLN B 142 5.71 -18.88 33.27
N PRO B 143 6.05 -17.69 32.79
CA PRO B 143 5.22 -16.52 33.07
C PRO B 143 3.85 -16.65 32.43
N ARG B 144 2.85 -16.03 33.07
CA ARG B 144 1.48 -16.11 32.58
C ARG B 144 0.86 -14.72 32.51
N GLU B 145 0.50 -14.17 33.66
CA GLU B 145 -0.09 -12.84 33.75
C GLU B 145 0.92 -11.85 34.30
N LEU B 146 0.73 -10.58 33.94
CA LEU B 146 1.60 -9.50 34.40
C LEU B 146 0.74 -8.30 34.80
N VAL B 147 1.06 -7.71 35.95
CA VAL B 147 0.43 -6.46 36.40
C VAL B 147 1.54 -5.52 36.86
N ALA B 148 1.37 -4.24 36.56
CA ALA B 148 2.35 -3.22 36.87
C ALA B 148 1.79 -2.25 37.90
N ASP B 149 2.62 -1.91 38.88
CA ASP B 149 2.27 -0.93 39.91
C ASP B 149 2.88 0.40 39.47
N ASP B 150 2.04 1.29 38.95
CA ASP B 150 2.51 2.59 38.47
C ASP B 150 3.11 3.44 39.58
N ALA B 151 2.74 3.18 40.84
CA ALA B 151 3.21 4.02 41.93
C ALA B 151 4.64 3.67 42.33
N THR B 152 4.98 2.38 42.31
CA THR B 152 6.31 1.93 42.72
C THR B 152 7.16 1.44 41.56
N ASN B 153 6.64 1.46 40.33
CA ASN B 153 7.33 0.90 39.16
C ASN B 153 7.76 -0.54 39.43
N THR B 154 6.82 -1.35 39.89
CA THR B 154 7.05 -2.76 40.17
C THR B 154 6.17 -3.61 39.27
N VAL B 155 6.74 -4.68 38.72
CA VAL B 155 6.03 -5.61 37.86
C VAL B 155 5.86 -6.92 38.59
N TYR B 156 4.62 -7.41 38.65
CA TYR B 156 4.29 -8.69 39.26
C TYR B 156 3.93 -9.68 38.17
N ILE B 157 4.54 -10.87 38.23
CA ILE B 157 4.40 -11.87 37.18
C ILE B 157 4.09 -13.21 37.84
N SER B 158 3.02 -13.86 37.39
CA SER B 158 2.67 -15.18 37.88
C SER B 158 3.47 -16.24 37.13
N GLY B 159 4.24 -17.04 37.88
CA GLY B 159 5.01 -18.12 37.30
C GLY B 159 4.38 -19.47 37.59
N ILE B 160 3.73 -20.06 36.59
CA ILE B 160 2.88 -21.20 36.81
C ILE B 160 3.66 -22.50 36.69
N GLY B 161 3.07 -23.57 37.23
CA GLY B 161 3.70 -24.87 37.28
C GLY B 161 3.02 -25.72 38.34
N LYS B 162 3.70 -26.79 38.74
CA LYS B 162 3.20 -27.60 39.84
C LYS B 162 3.20 -26.82 41.15
N GLU B 163 4.31 -26.14 41.44
CA GLU B 163 4.43 -25.24 42.58
C GLU B 163 4.70 -23.84 42.02
N SER B 164 3.63 -23.07 41.85
CA SER B 164 3.74 -21.77 41.22
C SER B 164 4.37 -20.75 42.18
N VAL B 165 4.77 -19.61 41.61
CA VAL B 165 5.33 -18.49 42.37
C VAL B 165 4.81 -17.20 41.77
N ILE B 166 5.09 -16.09 42.45
CA ILE B 166 4.85 -14.75 41.95
C ILE B 166 6.20 -14.04 41.90
N TRP B 167 6.62 -13.64 40.71
CA TRP B 167 7.88 -12.93 40.54
C TRP B 167 7.65 -11.43 40.74
N VAL B 168 8.54 -10.81 41.49
CA VAL B 168 8.48 -9.37 41.79
C VAL B 168 9.68 -8.72 41.14
N VAL B 169 9.43 -7.95 40.08
CA VAL B 169 10.48 -7.37 39.25
C VAL B 169 10.54 -5.88 39.47
N ASP B 170 11.75 -5.35 39.62
CA ASP B 170 11.98 -3.91 39.67
C ASP B 170 11.92 -3.36 38.25
N GLY B 171 10.91 -2.53 37.98
CA GLY B 171 10.76 -1.96 36.66
C GLY B 171 11.85 -0.97 36.28
N GLY B 172 12.52 -0.39 37.28
CA GLY B 172 13.54 0.61 36.99
C GLY B 172 14.73 0.05 36.25
N ASN B 173 15.24 -1.10 36.71
CA ASN B 173 16.46 -1.69 36.15
C ASN B 173 16.24 -3.11 35.64
N ILE B 174 14.99 -3.58 35.58
CA ILE B 174 14.64 -4.90 35.07
C ILE B 174 15.42 -5.97 35.83
N LYS B 175 15.32 -5.95 37.15
CA LYS B 175 15.99 -6.93 38.00
C LYS B 175 14.98 -7.56 38.93
N LEU B 176 15.24 -8.80 39.31
CA LEU B 176 14.33 -9.54 40.19
C LEU B 176 14.51 -9.09 41.64
N LYS B 177 13.40 -8.74 42.29
CA LYS B 177 13.45 -8.42 43.72
C LYS B 177 13.35 -9.68 44.56
N THR B 178 12.31 -10.49 44.33
CA THR B 178 12.10 -11.72 45.07
C THR B 178 11.06 -12.55 44.32
N ALA B 179 10.87 -13.78 44.80
CA ALA B 179 9.89 -14.70 44.25
C ALA B 179 9.01 -15.19 45.40
N ILE B 180 7.75 -14.76 45.41
CA ILE B 180 6.82 -15.18 46.46
C ILE B 180 6.51 -16.66 46.26
N GLN B 181 6.74 -17.46 47.29
CA GLN B 181 6.66 -18.91 47.18
C GLN B 181 5.27 -19.42 47.55
N ASN B 182 4.97 -20.62 47.04
CA ASN B 182 3.82 -21.42 47.48
C ASN B 182 2.49 -20.73 47.15
N THR B 183 2.30 -20.39 45.88
CA THR B 183 1.02 -19.90 45.42
C THR B 183 0.11 -21.01 44.90
N GLY B 184 0.56 -22.26 44.93
CA GLY B 184 -0.28 -23.39 44.59
C GLY B 184 -0.03 -23.94 43.20
N LYS B 185 -0.94 -24.82 42.79
CA LYS B 185 -0.87 -25.47 41.49
C LYS B 185 -1.49 -24.57 40.43
N MET B 186 -0.69 -24.17 39.44
CA MET B 186 -1.16 -23.37 38.30
C MET B 186 -1.81 -22.07 38.77
N SER B 187 -1.03 -21.26 39.48
CA SER B 187 -1.51 -19.97 39.99
C SER B 187 -1.44 -18.94 38.86
N THR B 188 -2.39 -19.04 37.94
CA THR B 188 -2.36 -18.21 36.74
C THR B 188 -2.87 -16.81 37.00
N GLY B 189 -3.97 -16.66 37.73
CA GLY B 189 -4.60 -15.36 37.88
C GLY B 189 -3.72 -14.38 38.62
N LEU B 190 -3.93 -13.09 38.34
CA LEU B 190 -3.14 -12.04 38.96
C LEU B 190 -3.86 -10.71 38.78
N ALA B 191 -4.05 -9.98 39.89
CA ALA B 191 -4.68 -8.67 39.86
C ALA B 191 -4.11 -7.84 40.99
N LEU B 192 -3.95 -6.54 40.74
CA LEU B 192 -3.26 -5.64 41.65
C LEU B 192 -4.18 -4.54 42.14
N ASP B 193 -4.15 -4.28 43.45
CA ASP B 193 -4.81 -3.13 44.07
C ASP B 193 -3.69 -2.21 44.54
N SER B 194 -3.38 -1.21 43.72
CA SER B 194 -2.23 -0.35 44.00
C SER B 194 -2.44 0.47 45.26
N GLU B 195 -3.57 1.17 45.36
CA GLU B 195 -3.84 2.00 46.53
C GLU B 195 -3.86 1.16 47.81
N GLY B 196 -4.57 0.03 47.78
CA GLY B 196 -4.64 -0.83 48.94
C GLY B 196 -3.42 -1.68 49.21
N LYS B 197 -2.44 -1.65 48.30
CA LYS B 197 -1.22 -2.44 48.44
C LYS B 197 -1.53 -3.93 48.62
N ARG B 198 -2.47 -4.42 47.80
CA ARG B 198 -2.90 -5.81 47.84
C ARG B 198 -2.73 -6.44 46.47
N LEU B 199 -2.15 -7.64 46.44
CA LEU B 199 -1.99 -8.42 45.22
C LEU B 199 -2.75 -9.73 45.38
N TYR B 200 -3.49 -10.11 44.34
CA TYR B 200 -4.33 -11.30 44.38
C TYR B 200 -3.91 -12.27 43.28
N THR B 201 -4.01 -13.56 43.57
CA THR B 201 -3.74 -14.59 42.58
C THR B 201 -4.64 -15.78 42.86
N THR B 202 -5.02 -16.47 41.78
CA THR B 202 -5.91 -17.63 41.86
C THR B 202 -5.26 -18.80 41.11
N ASN B 203 -5.52 -20.01 41.58
CA ASN B 203 -4.84 -21.19 41.07
C ASN B 203 -5.85 -22.30 40.79
N ALA B 204 -5.33 -23.46 40.37
CA ALA B 204 -6.15 -24.62 40.07
C ALA B 204 -6.54 -25.41 41.33
N ASP B 205 -6.02 -25.02 42.49
CA ASP B 205 -6.46 -25.60 43.75
C ASP B 205 -7.73 -24.94 44.27
N GLY B 206 -8.33 -24.05 43.50
CA GLY B 206 -9.60 -23.44 43.89
C GLY B 206 -9.51 -22.46 45.04
N GLU B 207 -8.34 -21.87 45.28
CA GLU B 207 -8.14 -20.96 46.39
C GLU B 207 -7.77 -19.57 45.89
N LEU B 208 -8.17 -18.57 46.65
CA LEU B 208 -7.80 -17.18 46.39
C LEU B 208 -6.72 -16.76 47.39
N ILE B 209 -5.60 -16.26 46.88
CA ILE B 209 -4.45 -15.89 47.69
C ILE B 209 -4.29 -14.37 47.66
N THR B 210 -4.21 -13.76 48.84
CA THR B 210 -4.01 -12.33 48.99
C THR B 210 -2.59 -12.07 49.47
N ILE B 211 -1.95 -11.07 48.88
CA ILE B 211 -0.56 -10.74 49.16
C ILE B 211 -0.44 -9.26 49.50
N ASP B 212 0.38 -8.96 50.51
CA ASP B 212 0.73 -7.58 50.85
C ASP B 212 1.91 -7.16 49.98
N THR B 213 1.69 -6.16 49.13
CA THR B 213 2.76 -5.70 48.25
C THR B 213 3.82 -4.88 48.97
N ALA B 214 3.58 -4.51 50.23
CA ALA B 214 4.58 -3.76 50.97
C ALA B 214 5.77 -4.64 51.39
N ASP B 215 5.53 -5.95 51.57
CA ASP B 215 6.60 -6.85 51.96
C ASP B 215 6.56 -8.18 51.20
N ASN B 216 5.67 -8.32 50.22
CA ASN B 216 5.63 -9.50 49.34
C ASN B 216 5.39 -10.78 50.14
N LYS B 217 4.41 -10.72 51.05
CA LYS B 217 4.09 -11.86 51.90
C LYS B 217 2.61 -12.19 51.78
N ILE B 218 2.31 -13.49 51.78
CA ILE B 218 0.94 -13.95 51.65
C ILE B 218 0.18 -13.60 52.93
N LEU B 219 -0.90 -12.85 52.79
CA LEU B 219 -1.74 -12.50 53.93
C LEU B 219 -2.80 -13.55 54.21
N SER B 220 -3.33 -14.20 53.18
CA SER B 220 -4.36 -15.20 53.38
C SER B 220 -4.51 -16.05 52.14
N ARG B 221 -5.13 -17.21 52.31
CA ARG B 221 -5.60 -18.01 51.19
C ARG B 221 -6.90 -18.70 51.63
N LYS B 222 -7.88 -18.69 50.74
CA LYS B 222 -9.17 -19.29 51.06
C LYS B 222 -9.69 -20.06 49.86
N LYS B 223 -10.09 -21.31 50.10
CA LYS B 223 -10.79 -22.08 49.09
C LYS B 223 -12.19 -21.51 48.92
N LEU B 224 -12.48 -20.98 47.73
CA LEU B 224 -13.71 -20.22 47.53
C LEU B 224 -14.94 -21.11 47.49
N LEU B 225 -14.79 -22.37 47.10
CA LEU B 225 -15.90 -23.29 46.95
C LEU B 225 -15.59 -24.62 47.63
N ASP B 226 -16.58 -25.15 48.35
CA ASP B 226 -16.43 -26.43 49.03
C ASP B 226 -17.49 -27.41 48.57
N ASP B 227 -17.67 -27.54 47.25
CA ASP B 227 -18.68 -28.41 46.68
C ASP B 227 -18.14 -29.76 46.22
N GLY B 228 -16.89 -30.08 46.55
CA GLY B 228 -16.30 -31.32 46.12
C GLY B 228 -16.00 -31.43 44.65
N LYS B 229 -16.11 -30.34 43.90
CA LYS B 229 -15.84 -30.31 42.47
C LYS B 229 -14.52 -29.58 42.21
N GLU B 230 -13.92 -29.87 41.06
CA GLU B 230 -12.67 -29.22 40.67
C GLU B 230 -12.96 -27.85 40.08
N HIS B 231 -12.12 -26.88 40.45
CA HIS B 231 -12.29 -25.49 40.02
C HIS B 231 -10.93 -24.91 39.64
N PHE B 232 -10.79 -24.52 38.38
CA PHE B 232 -9.58 -23.86 37.88
C PHE B 232 -9.90 -22.38 37.72
N PHE B 233 -9.48 -21.58 38.69
CA PHE B 233 -9.68 -20.13 38.66
C PHE B 233 -8.53 -19.51 37.88
N ILE B 234 -8.77 -19.23 36.60
CA ILE B 234 -7.68 -18.86 35.70
C ILE B 234 -7.39 -17.36 35.74
N ASN B 235 -8.40 -16.51 35.82
CA ASN B 235 -8.18 -15.07 35.77
C ASN B 235 -9.05 -14.37 36.81
N ILE B 236 -8.61 -13.18 37.19
CA ILE B 236 -9.31 -12.37 38.19
C ILE B 236 -9.17 -10.91 37.82
N SER B 237 -10.27 -10.16 37.96
CA SER B 237 -10.29 -8.73 37.70
C SER B 237 -10.96 -8.03 38.87
N LEU B 238 -10.40 -6.89 39.27
CA LEU B 238 -10.78 -6.22 40.51
C LEU B 238 -11.70 -5.05 40.26
N ASP B 239 -12.71 -4.92 41.13
CA ASP B 239 -13.47 -3.68 41.32
C ASP B 239 -13.06 -3.14 42.69
N THR B 240 -12.00 -2.34 42.70
CA THR B 240 -11.43 -1.89 43.97
C THR B 240 -12.36 -0.93 44.70
N ALA B 241 -13.16 -0.15 43.97
CA ALA B 241 -14.06 0.80 44.62
C ALA B 241 -15.10 0.11 45.49
N ARG B 242 -15.53 -1.09 45.11
CA ARG B 242 -16.51 -1.85 45.88
C ARG B 242 -15.90 -3.07 46.56
N GLN B 243 -14.58 -3.21 46.54
CA GLN B 243 -13.88 -4.26 47.29
C GLN B 243 -14.35 -5.64 46.84
N ARG B 244 -14.47 -5.83 45.53
CA ARG B 244 -14.92 -7.11 45.00
C ARG B 244 -14.05 -7.52 43.81
N ALA B 245 -14.06 -8.80 43.51
CA ALA B 245 -13.26 -9.39 42.45
C ALA B 245 -14.12 -10.30 41.59
N PHE B 246 -13.84 -10.31 40.29
CA PHE B 246 -14.50 -11.18 39.33
C PHE B 246 -13.50 -12.26 38.91
N ILE B 247 -13.88 -13.52 39.08
CA ILE B 247 -12.98 -14.65 38.92
C ILE B 247 -13.58 -15.64 37.93
N THR B 248 -12.79 -16.02 36.93
CA THR B 248 -13.22 -16.99 35.92
C THR B 248 -12.95 -18.41 36.39
N ASP B 249 -13.67 -19.35 35.79
CA ASP B 249 -13.50 -20.77 36.08
C ASP B 249 -13.61 -21.55 34.78
N SER B 250 -12.55 -22.30 34.45
CA SER B 250 -12.55 -23.12 33.24
C SER B 250 -13.14 -24.50 33.44
N LYS B 251 -13.43 -24.88 34.69
CA LYS B 251 -14.01 -26.19 34.97
C LYS B 251 -15.49 -26.13 35.30
N ALA B 252 -16.00 -24.96 35.68
CA ALA B 252 -17.41 -24.78 36.02
C ALA B 252 -18.03 -23.73 35.13
N ALA B 253 -19.35 -23.81 34.98
CA ALA B 253 -20.09 -22.89 34.13
C ALA B 253 -20.68 -21.73 34.91
N GLU B 254 -19.86 -21.06 35.71
CA GLU B 254 -20.31 -19.88 36.43
C GLU B 254 -19.10 -19.02 36.79
N VAL B 255 -19.28 -17.71 36.70
CA VAL B 255 -18.24 -16.74 37.06
C VAL B 255 -18.52 -16.26 38.48
N LEU B 256 -17.46 -16.18 39.28
CA LEU B 256 -17.59 -15.84 40.70
C LEU B 256 -17.35 -14.36 40.92
N VAL B 257 -18.17 -13.76 41.78
CA VAL B 257 -17.95 -12.42 42.30
C VAL B 257 -17.67 -12.55 43.79
N VAL B 258 -16.49 -12.11 44.21
CA VAL B 258 -15.97 -12.40 45.54
C VAL B 258 -15.61 -11.09 46.24
N ASP B 259 -15.92 -11.01 47.53
CA ASP B 259 -15.53 -9.87 48.36
C ASP B 259 -14.05 -10.00 48.73
N THR B 260 -13.24 -9.02 48.33
CA THR B 260 -11.80 -9.13 48.48
C THR B 260 -11.34 -8.97 49.93
N ARG B 261 -12.22 -8.59 50.85
CA ARG B 261 -11.82 -8.45 52.25
C ARG B 261 -11.75 -9.79 52.95
N ASN B 262 -12.63 -10.73 52.60
CA ASN B 262 -12.74 -11.98 53.31
C ASN B 262 -12.90 -13.20 52.41
N GLY B 263 -13.01 -13.02 51.10
CA GLY B 263 -13.17 -14.14 50.19
C GLY B 263 -14.57 -14.70 50.11
N ASN B 264 -15.55 -14.03 50.70
CA ASN B 264 -16.92 -14.51 50.62
C ASN B 264 -17.49 -14.25 49.23
N ILE B 265 -18.34 -15.17 48.79
CA ILE B 265 -18.89 -15.13 47.44
C ILE B 265 -20.13 -14.25 47.43
N LEU B 266 -20.08 -13.18 46.63
CA LEU B 266 -21.21 -12.28 46.51
C LEU B 266 -22.22 -12.73 45.48
N ALA B 267 -21.80 -13.44 44.43
CA ALA B 267 -22.70 -13.86 43.38
C ALA B 267 -22.05 -14.97 42.56
N LYS B 268 -22.90 -15.75 41.90
CA LYS B 268 -22.48 -16.76 40.94
C LYS B 268 -23.21 -16.46 39.62
N VAL B 269 -22.49 -15.89 38.67
CA VAL B 269 -23.07 -15.49 37.38
C VAL B 269 -23.05 -16.69 36.45
N ALA B 270 -24.23 -17.09 35.97
CA ALA B 270 -24.31 -18.23 35.06
C ALA B 270 -23.80 -17.83 33.68
N ALA B 271 -22.77 -18.54 33.22
CA ALA B 271 -22.15 -18.26 31.93
C ALA B 271 -21.36 -19.49 31.51
N PRO B 272 -21.06 -19.65 30.22
CA PRO B 272 -20.20 -20.77 29.79
C PRO B 272 -18.85 -20.72 30.47
N GLU B 273 -18.10 -21.82 30.31
CA GLU B 273 -16.76 -21.90 30.88
C GLU B 273 -15.91 -20.73 30.40
N SER B 274 -15.18 -20.13 31.32
CA SER B 274 -14.61 -18.81 31.15
C SER B 274 -13.09 -18.83 31.22
N LEU B 275 -12.46 -17.87 30.55
CA LEU B 275 -11.01 -17.74 30.54
C LEU B 275 -10.58 -16.37 31.06
N ALA B 276 -10.75 -15.31 30.27
CA ALA B 276 -10.34 -13.97 30.66
C ALA B 276 -11.52 -13.18 31.21
N VAL B 277 -11.22 -12.21 32.07
CA VAL B 277 -12.23 -11.35 32.66
C VAL B 277 -11.65 -9.95 32.84
N LEU B 278 -12.43 -8.94 32.51
CA LEU B 278 -12.00 -7.54 32.62
C LEU B 278 -13.18 -6.72 33.11
N PHE B 279 -13.01 -6.09 34.28
CA PHE B 279 -14.05 -5.24 34.85
C PHE B 279 -13.88 -3.80 34.34
N ASN B 280 -15.01 -3.19 33.98
CA ASN B 280 -15.03 -1.83 33.46
C ASN B 280 -15.70 -0.91 34.47
N PRO B 281 -14.94 -0.14 35.25
CA PRO B 281 -15.58 0.76 36.22
C PRO B 281 -16.41 1.87 35.58
N ALA B 282 -16.05 2.31 34.38
CA ALA B 282 -16.79 3.37 33.70
C ALA B 282 -18.20 2.97 33.32
N ARG B 283 -18.46 1.68 33.17
CA ARG B 283 -19.78 1.19 32.82
C ARG B 283 -20.31 0.19 33.84
N ASN B 284 -19.52 -0.14 34.86
CA ASN B 284 -19.90 -1.12 35.88
C ASN B 284 -20.29 -2.45 35.24
N GLU B 285 -19.42 -2.94 34.35
CA GLU B 285 -19.68 -4.21 33.70
C GLU B 285 -18.39 -5.02 33.75
N ALA B 286 -18.54 -6.34 33.62
CA ALA B 286 -17.40 -7.24 33.51
C ALA B 286 -17.56 -8.03 32.22
N TYR B 287 -16.50 -8.10 31.44
CA TYR B 287 -16.49 -8.81 30.17
C TYR B 287 -15.68 -10.08 30.33
N VAL B 288 -16.18 -11.17 29.73
CA VAL B 288 -15.63 -12.49 29.95
C VAL B 288 -15.55 -13.21 28.61
N THR B 289 -14.38 -13.77 28.30
CA THR B 289 -14.22 -14.56 27.09
C THR B 289 -14.60 -16.01 27.39
N HIS B 290 -15.25 -16.64 26.41
CA HIS B 290 -15.59 -18.05 26.48
C HIS B 290 -14.90 -18.74 25.31
N ARG B 291 -13.75 -19.34 25.62
CA ARG B 291 -12.88 -19.90 24.60
C ARG B 291 -13.59 -20.97 23.78
N GLN B 292 -14.14 -22.00 24.44
CA GLN B 292 -14.79 -23.09 23.73
C GLN B 292 -16.10 -22.64 23.10
N ALA B 293 -16.86 -21.79 23.78
CA ALA B 293 -18.15 -21.36 23.25
C ALA B 293 -18.02 -20.36 22.10
N GLY B 294 -16.87 -19.69 21.98
CA GLY B 294 -16.69 -18.70 20.95
C GLY B 294 -17.51 -17.44 21.16
N LYS B 295 -17.60 -16.97 22.41
CA LYS B 295 -18.45 -15.84 22.74
C LYS B 295 -17.77 -15.00 23.82
N VAL B 296 -18.26 -13.77 23.96
CA VAL B 296 -17.87 -12.86 25.03
C VAL B 296 -19.13 -12.40 25.74
N SER B 297 -19.17 -12.56 27.05
CA SER B 297 -20.32 -12.21 27.86
C SER B 297 -20.13 -10.86 28.52
N VAL B 298 -21.21 -10.09 28.61
CA VAL B 298 -21.23 -8.84 29.36
C VAL B 298 -22.00 -9.09 30.64
N ILE B 299 -21.32 -8.97 31.78
CA ILE B 299 -21.93 -9.20 33.07
C ILE B 299 -22.24 -7.85 33.71
N ASP B 300 -23.53 -7.59 33.93
CA ASP B 300 -23.91 -6.42 34.70
C ASP B 300 -23.60 -6.65 36.17
N ALA B 301 -22.71 -5.85 36.72
CA ALA B 301 -22.23 -6.09 38.08
C ALA B 301 -23.19 -5.56 39.14
N LYS B 302 -24.35 -5.07 38.73
CA LYS B 302 -25.38 -4.64 39.64
C LYS B 302 -26.45 -5.70 39.88
N SER B 303 -26.93 -6.34 38.81
CA SER B 303 -27.83 -7.47 38.91
C SER B 303 -27.10 -8.81 38.90
N TYR B 304 -25.80 -8.81 38.61
CA TYR B 304 -24.99 -10.02 38.53
C TYR B 304 -25.59 -11.02 37.53
N LYS B 305 -25.91 -10.51 36.35
CA LYS B 305 -26.51 -11.31 35.29
C LYS B 305 -25.82 -11.00 33.97
N VAL B 306 -25.76 -12.00 33.09
CA VAL B 306 -25.32 -11.76 31.72
C VAL B 306 -26.43 -11.04 30.97
N VAL B 307 -26.15 -9.82 30.52
CA VAL B 307 -27.14 -9.00 29.83
C VAL B 307 -26.87 -8.89 28.34
N LYS B 308 -25.74 -9.35 27.86
CA LYS B 308 -25.40 -9.25 26.44
C LYS B 308 -24.29 -10.23 26.13
N THR B 309 -24.37 -10.86 24.95
CA THR B 309 -23.38 -11.82 24.48
C THR B 309 -22.93 -11.45 23.09
N PHE B 310 -21.62 -11.32 22.91
CA PHE B 310 -21.02 -10.97 21.63
C PHE B 310 -20.56 -12.24 20.91
N ASP B 311 -20.86 -12.33 19.62
CA ASP B 311 -20.44 -13.47 18.82
C ASP B 311 -19.02 -13.21 18.34
N THR B 312 -18.05 -13.91 18.92
CA THR B 312 -16.64 -13.81 18.56
C THR B 312 -16.17 -15.20 18.14
N PRO B 313 -16.67 -15.69 17.00
CA PRO B 313 -16.48 -17.11 16.66
C PRO B 313 -15.01 -17.52 16.67
N THR B 314 -14.78 -18.79 17.00
CA THR B 314 -13.46 -19.41 17.06
C THR B 314 -12.58 -18.83 18.16
N HIS B 315 -12.61 -19.46 19.33
CA HIS B 315 -11.78 -19.22 20.51
C HIS B 315 -11.36 -17.77 20.73
N PRO B 316 -12.17 -16.99 21.43
CA PRO B 316 -11.69 -15.70 21.94
C PRO B 316 -10.71 -15.94 23.09
N ASN B 317 -9.79 -14.99 23.27
CA ASN B 317 -8.70 -15.23 24.21
C ASN B 317 -8.59 -14.13 25.26
N SER B 318 -8.13 -12.94 24.87
CA SER B 318 -7.81 -11.89 25.82
C SER B 318 -8.68 -10.66 25.58
N LEU B 319 -8.70 -9.77 26.57
CA LEU B 319 -9.52 -8.57 26.55
C LEU B 319 -8.67 -7.35 26.87
N ALA B 320 -9.06 -6.22 26.30
CA ALA B 320 -8.43 -4.94 26.60
C ALA B 320 -9.45 -3.83 26.44
N LEU B 321 -9.33 -2.80 27.28
CA LEU B 321 -10.25 -1.68 27.29
C LEU B 321 -9.51 -0.39 26.99
N SER B 322 -10.15 0.49 26.23
CA SER B 322 -9.66 1.85 26.11
C SER B 322 -9.73 2.57 27.45
N ALA B 323 -8.95 3.65 27.56
CA ALA B 323 -8.86 4.36 28.83
C ALA B 323 -10.20 4.92 29.28
N ASP B 324 -11.03 5.36 28.33
CA ASP B 324 -12.33 5.93 28.66
C ASP B 324 -13.40 4.88 28.93
N GLY B 325 -13.08 3.60 28.77
CA GLY B 325 -14.04 2.55 29.05
C GLY B 325 -15.14 2.37 28.03
N LYS B 326 -15.02 2.98 26.86
CA LYS B 326 -16.05 2.93 25.84
C LYS B 326 -15.77 1.94 24.71
N THR B 327 -14.57 1.38 24.65
CA THR B 327 -14.20 0.47 23.57
C THR B 327 -13.56 -0.78 24.13
N LEU B 328 -14.12 -1.94 23.78
CA LEU B 328 -13.58 -3.23 24.19
C LEU B 328 -12.83 -3.86 23.02
N TYR B 329 -11.69 -4.49 23.33
CA TYR B 329 -10.87 -5.16 22.34
C TYR B 329 -10.73 -6.63 22.72
N VAL B 330 -10.95 -7.52 21.75
CA VAL B 330 -10.91 -8.96 21.96
C VAL B 330 -9.95 -9.58 20.97
N SER B 331 -8.95 -10.30 21.47
CA SER B 331 -8.10 -11.10 20.59
C SER B 331 -8.79 -12.44 20.32
N VAL B 332 -8.92 -12.79 19.05
CA VAL B 332 -9.69 -13.95 18.62
C VAL B 332 -8.76 -14.85 17.82
N LYS B 333 -8.60 -16.10 18.27
CA LYS B 333 -7.63 -17.02 17.71
C LYS B 333 -8.31 -18.06 16.83
N GLN B 334 -7.59 -18.49 15.79
CA GLN B 334 -8.05 -19.59 14.96
C GLN B 334 -7.87 -20.92 15.71
N LYS B 335 -8.50 -21.96 15.19
CA LYS B 335 -8.26 -23.30 15.72
C LYS B 335 -6.85 -23.74 15.34
N SER B 336 -6.06 -24.14 16.34
CA SER B 336 -4.70 -24.61 16.10
C SER B 336 -4.37 -25.65 17.16
N THR B 337 -3.73 -26.72 16.73
CA THR B 337 -3.41 -27.85 17.59
C THR B 337 -1.90 -28.04 17.66
N LYS B 338 -1.47 -28.89 18.60
CA LYS B 338 -0.05 -29.21 18.71
C LYS B 338 0.46 -29.93 17.48
N GLN B 339 -0.41 -30.58 16.71
CA GLN B 339 -0.04 -31.30 15.50
C GLN B 339 -0.29 -30.50 14.23
N GLN B 340 -1.35 -29.69 14.21
CA GLN B 340 -1.73 -28.93 13.03
C GLN B 340 -1.92 -27.47 13.41
N GLU B 341 -1.09 -26.59 12.85
CA GLU B 341 -1.18 -25.18 13.12
C GLU B 341 -2.23 -24.52 12.22
N ALA B 342 -2.61 -23.30 12.58
CA ALA B 342 -3.55 -22.52 11.78
C ALA B 342 -2.82 -21.87 10.62
N THR B 343 -3.45 -21.90 9.45
CA THR B 343 -2.90 -21.27 8.26
C THR B 343 -3.30 -19.81 8.12
N GLN B 344 -4.27 -19.35 8.89
CA GLN B 344 -4.73 -17.97 8.84
C GLN B 344 -4.28 -17.23 10.09
N PRO B 345 -4.03 -15.92 9.99
CA PRO B 345 -3.69 -15.14 11.18
C PRO B 345 -4.87 -14.99 12.11
N ASP B 346 -4.57 -14.69 13.37
CA ASP B 346 -5.61 -14.43 14.35
C ASP B 346 -6.17 -13.01 14.16
N ASP B 347 -7.27 -12.74 14.85
CA ASP B 347 -7.99 -11.48 14.68
C ASP B 347 -8.06 -10.72 16.00
N VAL B 348 -8.31 -9.41 15.86
CA VAL B 348 -8.69 -8.56 16.98
C VAL B 348 -10.06 -7.97 16.64
N ILE B 349 -10.98 -8.04 17.60
CA ILE B 349 -12.33 -7.51 17.43
C ILE B 349 -12.47 -6.26 18.28
N ARG B 350 -12.88 -5.17 17.64
CA ARG B 350 -13.12 -3.90 18.31
C ARG B 350 -14.62 -3.72 18.50
N ILE B 351 -15.05 -3.61 19.75
CA ILE B 351 -16.46 -3.52 20.09
C ILE B 351 -16.73 -2.16 20.70
N ALA B 352 -17.55 -1.36 20.03
CA ALA B 352 -17.99 -0.09 20.58
C ALA B 352 -19.05 -0.37 21.63
N LEU B 353 -18.72 -0.14 22.89
CA LEU B 353 -19.62 -0.45 23.99
C LEU B 353 -20.72 0.59 24.10
N GLU C 33 12.34 -17.33 -24.84
CA GLU C 33 13.66 -17.10 -25.41
C GLU C 33 13.95 -15.61 -25.57
N MET C 34 15.12 -15.18 -25.10
CA MET C 34 15.50 -13.77 -25.15
C MET C 34 16.88 -13.66 -25.77
N LEU C 35 17.05 -12.66 -26.64
CA LEU C 35 18.31 -12.41 -27.30
C LEU C 35 18.67 -10.94 -27.14
N ARG C 36 19.81 -10.67 -26.52
CA ARG C 36 20.32 -9.32 -26.35
C ARG C 36 21.43 -9.08 -27.35
N LYS C 37 21.37 -7.94 -28.04
CA LYS C 37 22.33 -7.64 -29.10
C LYS C 37 22.67 -6.15 -29.05
N ALA C 38 23.95 -5.84 -28.99
CA ALA C 38 24.39 -4.46 -29.01
C ALA C 38 24.21 -3.86 -30.41
N VAL C 39 23.68 -2.64 -30.46
CA VAL C 39 23.46 -1.97 -31.74
C VAL C 39 24.26 -0.68 -31.80
N GLY C 40 23.96 0.26 -30.90
CA GLY C 40 24.66 1.53 -30.90
C GLY C 40 24.22 2.39 -29.74
N LYS C 41 24.87 3.55 -29.65
CA LYS C 41 24.60 4.49 -28.57
C LYS C 41 23.35 5.31 -28.86
N GLY C 42 22.62 5.64 -27.79
CA GLY C 42 21.44 6.48 -27.92
C GLY C 42 20.28 5.81 -28.61
N ALA C 43 20.00 4.55 -28.27
CA ALA C 43 18.87 3.85 -28.88
C ALA C 43 17.55 4.36 -28.32
N TYR C 44 16.55 4.46 -29.20
CA TYR C 44 15.21 4.83 -28.76
C TYR C 44 14.13 3.98 -29.42
N GLU C 45 13.32 4.58 -30.28
CA GLU C 45 12.12 3.92 -30.78
C GLU C 45 12.43 3.10 -32.04
N MET C 46 11.47 2.24 -32.40
CA MET C 46 11.67 1.23 -33.42
C MET C 46 10.45 1.17 -34.33
N ALA C 47 10.60 0.42 -35.43
CA ALA C 47 9.50 0.18 -36.36
C ALA C 47 9.76 -1.13 -37.09
N TYR C 48 8.68 -1.83 -37.41
CA TYR C 48 8.75 -3.14 -38.04
C TYR C 48 7.98 -3.12 -39.36
N SER C 49 8.50 -3.81 -40.36
CA SER C 49 7.87 -3.90 -41.67
C SER C 49 7.72 -5.37 -42.04
N GLN C 50 6.47 -5.80 -42.26
CA GLN C 50 6.22 -7.14 -42.75
C GLN C 50 6.71 -7.30 -44.18
N GLN C 51 6.52 -6.26 -45.01
CA GLN C 51 6.93 -6.35 -46.41
C GLN C 51 8.42 -6.57 -46.54
N GLU C 52 9.22 -5.75 -45.85
CA GLU C 52 10.67 -5.86 -45.92
C GLU C 52 11.25 -6.94 -45.01
N ASN C 53 10.44 -7.48 -44.09
CA ASN C 53 10.91 -8.44 -43.08
C ASN C 53 12.15 -7.90 -42.38
N ALA C 54 12.01 -6.70 -41.82
CA ALA C 54 13.14 -6.00 -41.24
C ALA C 54 12.66 -5.17 -40.06
N LEU C 55 13.61 -4.83 -39.19
CA LEU C 55 13.36 -4.01 -38.02
C LEU C 55 14.33 -2.84 -38.04
N TRP C 56 13.83 -1.66 -37.68
CA TRP C 56 14.63 -0.44 -37.67
C TRP C 56 14.71 0.12 -36.26
N LEU C 57 15.90 0.62 -35.90
CA LEU C 57 16.14 1.23 -34.62
C LEU C 57 16.74 2.61 -34.83
N ALA C 58 16.15 3.62 -34.21
CA ALA C 58 16.67 4.98 -34.26
C ALA C 58 17.72 5.15 -33.15
N THR C 59 18.90 5.63 -33.53
CA THR C 59 19.96 5.89 -32.58
C THR C 59 20.43 7.33 -32.73
N SER C 60 20.60 8.03 -31.62
CA SER C 60 21.13 9.38 -31.60
C SER C 60 22.64 9.42 -31.44
N GLN C 61 23.28 8.27 -31.24
CA GLN C 61 24.72 8.17 -31.04
C GLN C 61 25.16 8.99 -29.83
N SER C 62 26.44 9.37 -29.79
CA SER C 62 26.97 10.14 -28.67
C SER C 62 26.50 11.59 -28.78
N ARG C 63 26.03 12.15 -27.66
CA ARG C 63 25.50 13.51 -27.69
C ARG C 63 26.61 14.56 -27.83
N LYS C 64 27.83 14.27 -27.39
CA LYS C 64 28.91 15.23 -27.50
C LYS C 64 29.77 15.01 -28.74
N LEU C 65 30.05 13.76 -29.09
CA LEU C 65 31.00 13.47 -30.16
C LEU C 65 30.35 13.41 -31.54
N ASP C 66 29.10 12.98 -31.63
CA ASP C 66 28.46 12.74 -32.91
C ASP C 66 27.49 13.87 -33.25
N LYS C 67 27.60 14.37 -34.47
CA LYS C 67 26.63 15.30 -35.02
C LYS C 67 25.68 14.50 -35.91
N GLY C 68 24.41 14.45 -35.53
CA GLY C 68 23.48 13.57 -36.21
C GLY C 68 23.48 12.19 -35.61
N GLY C 69 22.74 11.29 -36.27
CA GLY C 69 22.60 9.95 -35.78
C GLY C 69 22.53 8.90 -36.87
N VAL C 70 22.18 7.68 -36.51
CA VAL C 70 22.13 6.55 -37.43
C VAL C 70 20.83 5.78 -37.20
N VAL C 71 20.14 5.47 -38.28
CA VAL C 71 19.00 4.55 -38.26
C VAL C 71 19.51 3.19 -38.69
N TYR C 72 19.44 2.21 -37.80
CA TYR C 72 19.94 0.86 -38.06
C TYR C 72 18.80 -0.04 -38.49
N ARG C 73 18.98 -0.73 -39.61
CA ARG C 73 18.07 -1.79 -40.03
C ARG C 73 18.60 -3.11 -39.49
N LEU C 74 17.74 -3.86 -38.79
CA LEU C 74 18.16 -5.05 -38.07
C LEU C 74 17.47 -6.28 -38.62
N ASP C 75 18.20 -7.39 -38.59
CA ASP C 75 17.61 -8.69 -38.91
C ASP C 75 16.61 -9.04 -37.81
N PRO C 76 15.34 -9.31 -38.14
CA PRO C 76 14.34 -9.54 -37.09
C PRO C 76 14.58 -10.81 -36.26
N VAL C 77 15.47 -11.70 -36.69
CA VAL C 77 15.74 -12.92 -35.95
C VAL C 77 17.04 -12.82 -35.16
N THR C 78 18.11 -12.33 -35.79
CA THR C 78 19.43 -12.30 -35.17
C THR C 78 19.82 -10.92 -34.65
N LEU C 79 19.07 -9.86 -35.00
CA LEU C 79 19.35 -8.49 -34.60
C LEU C 79 20.70 -7.99 -35.12
N GLU C 80 21.20 -8.60 -36.19
CA GLU C 80 22.42 -8.13 -36.83
C GLU C 80 22.11 -6.93 -37.72
N VAL C 81 23.03 -5.96 -37.72
CA VAL C 81 22.86 -4.77 -38.55
C VAL C 81 22.94 -5.17 -40.01
N THR C 82 21.84 -4.96 -40.75
CA THR C 82 21.82 -5.22 -42.18
C THR C 82 21.89 -3.94 -43.00
N GLN C 83 21.72 -2.77 -42.38
CA GLN C 83 21.89 -1.49 -43.05
C GLN C 83 22.06 -0.41 -42.00
N ALA C 84 22.96 0.54 -42.28
CA ALA C 84 23.22 1.67 -41.39
C ALA C 84 22.93 2.95 -42.17
N ILE C 85 21.85 3.62 -41.80
CA ILE C 85 21.41 4.85 -42.47
C ILE C 85 21.88 6.04 -41.66
N HIS C 86 22.92 6.73 -42.14
CA HIS C 86 23.43 7.90 -41.46
C HIS C 86 22.52 9.09 -41.70
N ASN C 87 22.21 9.82 -40.63
CA ASN C 87 21.33 10.98 -40.68
C ASN C 87 22.04 12.18 -40.08
N ASP C 88 21.93 13.33 -40.74
CA ASP C 88 22.54 14.54 -40.18
C ASP C 88 21.74 15.13 -39.04
N LEU C 89 20.48 14.73 -38.86
CA LEU C 89 19.72 15.04 -37.67
C LEU C 89 19.51 13.77 -36.85
N LYS C 90 19.63 13.88 -35.54
CA LYS C 90 19.52 12.71 -34.69
C LYS C 90 18.08 12.21 -34.64
N PRO C 91 17.84 10.93 -34.92
CA PRO C 91 16.48 10.39 -34.82
C PRO C 91 16.19 9.83 -33.44
N PHE C 92 14.92 9.99 -33.03
CA PHE C 92 14.49 9.52 -31.71
C PHE C 92 13.22 8.69 -31.85
N GLY C 93 12.07 9.35 -31.97
CA GLY C 93 10.83 8.64 -32.22
C GLY C 93 10.81 7.96 -33.57
N ALA C 94 9.94 6.97 -33.71
CA ALA C 94 9.91 6.18 -34.92
C ALA C 94 8.50 5.66 -35.19
N THR C 95 8.12 5.64 -36.46
CA THR C 95 6.91 4.98 -36.91
C THR C 95 7.08 4.65 -38.39
N ILE C 96 6.16 3.86 -38.91
CA ILE C 96 6.20 3.44 -40.31
C ILE C 96 4.79 3.49 -40.90
N ASN C 97 4.70 4.00 -42.12
CA ASN C 97 3.48 3.91 -42.91
C ASN C 97 3.55 2.62 -43.72
N ASN C 98 2.76 1.62 -43.33
CA ASN C 98 2.84 0.31 -43.97
C ASN C 98 2.35 0.33 -45.42
N THR C 99 1.53 1.31 -45.78
CA THR C 99 1.03 1.40 -47.16
C THR C 99 2.10 1.94 -48.09
N THR C 100 2.76 3.04 -47.70
CA THR C 100 3.81 3.64 -48.50
C THR C 100 5.19 3.07 -48.22
N GLN C 101 5.33 2.24 -47.18
CA GLN C 101 6.62 1.72 -46.74
C GLN C 101 7.61 2.86 -46.51
N THR C 102 7.17 3.86 -45.75
CA THR C 102 7.97 5.05 -45.45
C THR C 102 8.14 5.15 -43.95
N LEU C 103 9.40 5.16 -43.50
CA LEU C 103 9.69 5.34 -42.10
C LEU C 103 9.68 6.82 -41.75
N TRP C 104 9.17 7.13 -40.56
CA TRP C 104 9.07 8.52 -40.09
C TRP C 104 9.72 8.61 -38.73
N PHE C 105 10.72 9.48 -38.60
CA PHE C 105 11.50 9.61 -37.38
C PHE C 105 11.40 11.03 -36.84
N GLY C 106 11.33 11.14 -35.51
CA GLY C 106 11.27 12.42 -34.85
C GLY C 106 12.66 12.91 -34.47
N ASN C 107 12.98 14.13 -34.89
CA ASN C 107 14.25 14.77 -34.58
C ASN C 107 14.01 15.68 -33.39
N THR C 108 14.18 15.12 -32.18
CA THR C 108 13.79 15.83 -30.98
C THR C 108 14.63 17.09 -30.76
N VAL C 109 15.96 16.96 -30.82
CA VAL C 109 16.84 18.07 -30.53
C VAL C 109 16.96 19.06 -31.68
N ASN C 110 16.28 18.80 -32.79
CA ASN C 110 16.25 19.74 -33.90
C ASN C 110 14.83 20.16 -34.20
N SER C 111 13.85 19.61 -33.49
CA SER C 111 12.45 19.95 -33.66
C SER C 111 12.04 19.77 -35.12
N ALA C 112 12.32 18.59 -35.67
CA ALA C 112 12.03 18.29 -37.07
C ALA C 112 11.58 16.84 -37.19
N VAL C 113 11.12 16.46 -38.38
CA VAL C 113 10.72 15.09 -38.68
C VAL C 113 11.41 14.64 -39.97
N THR C 114 11.81 13.37 -40.01
CA THR C 114 12.55 12.80 -41.14
C THR C 114 11.75 11.66 -41.75
N ALA C 115 11.66 11.65 -43.09
CA ALA C 115 11.03 10.57 -43.84
C ALA C 115 12.11 9.78 -44.57
N ILE C 116 12.06 8.45 -44.44
CA ILE C 116 13.06 7.56 -45.04
C ILE C 116 12.34 6.43 -45.74
N ASP C 117 12.73 6.15 -46.99
CA ASP C 117 12.21 5.02 -47.72
C ASP C 117 12.70 3.72 -47.10
N ALA C 118 11.77 2.86 -46.69
CA ALA C 118 12.15 1.63 -45.99
C ALA C 118 12.78 0.59 -46.92
N LYS C 119 12.49 0.67 -48.21
CA LYS C 119 13.01 -0.32 -49.15
C LYS C 119 14.45 -0.01 -49.58
N THR C 120 14.70 1.23 -49.98
CA THR C 120 16.03 1.60 -50.44
C THR C 120 16.91 2.15 -49.33
N GLY C 121 16.32 2.75 -48.29
CA GLY C 121 17.07 3.39 -47.25
C GLY C 121 17.40 4.85 -47.50
N GLU C 122 16.90 5.42 -48.60
CA GLU C 122 17.21 6.80 -48.95
C GLU C 122 16.38 7.75 -48.10
N VAL C 123 17.04 8.79 -47.58
CA VAL C 123 16.33 9.87 -46.88
C VAL C 123 15.51 10.65 -47.90
N LYS C 124 14.18 10.62 -47.73
CA LYS C 124 13.30 11.27 -48.69
C LYS C 124 13.22 12.77 -48.47
N GLY C 125 13.37 13.23 -47.23
CA GLY C 125 13.29 14.65 -46.94
C GLY C 125 13.00 14.87 -45.47
N ARG C 126 13.01 16.16 -45.10
CA ARG C 126 12.77 16.55 -43.71
C ARG C 126 11.89 17.80 -43.68
N LEU C 127 11.28 18.02 -42.52
CA LEU C 127 10.41 19.18 -42.29
C LEU C 127 10.68 19.72 -40.89
N VAL C 128 11.04 20.99 -40.79
CA VAL C 128 11.25 21.65 -39.50
C VAL C 128 9.88 22.08 -38.96
N LEU C 129 9.56 21.64 -37.75
CA LEU C 129 8.23 21.88 -37.18
C LEU C 129 8.15 23.11 -36.28
N ASP C 130 9.28 23.59 -35.74
CA ASP C 130 9.40 24.79 -34.91
C ASP C 130 10.79 25.37 -35.20
N ASP C 131 10.87 26.35 -36.09
CA ASP C 131 12.15 26.91 -36.51
C ASP C 131 12.71 27.92 -35.51
N ARG C 132 12.09 28.10 -34.35
CA ARG C 132 12.59 29.04 -33.36
C ARG C 132 13.88 28.51 -32.72
N LYS C 133 14.82 29.41 -32.48
CA LYS C 133 16.05 29.07 -31.78
C LYS C 133 15.81 29.07 -30.27
N ARG C 134 16.39 28.10 -29.58
CA ARG C 134 16.15 27.97 -28.14
C ARG C 134 16.99 29.00 -27.39
N THR C 135 16.33 29.87 -26.64
CA THR C 135 16.99 30.82 -25.74
C THR C 135 16.60 30.53 -24.30
N GLU C 136 16.65 31.57 -23.45
CA GLU C 136 16.21 31.43 -22.06
C GLU C 136 14.72 31.63 -21.89
N GLU C 137 14.09 32.43 -22.74
CA GLU C 137 12.64 32.57 -22.74
C GLU C 137 11.95 31.67 -23.75
N VAL C 138 12.63 31.36 -24.86
CA VAL C 138 12.05 30.60 -25.95
C VAL C 138 12.54 29.16 -25.87
N ARG C 139 11.63 28.23 -25.65
CA ARG C 139 11.92 26.80 -25.71
C ARG C 139 11.10 26.20 -26.85
N PRO C 140 11.72 25.88 -27.99
CA PRO C 140 10.96 25.34 -29.12
C PRO C 140 10.35 24.00 -28.77
N LEU C 141 9.15 23.75 -29.31
CA LEU C 141 8.50 22.47 -29.09
C LEU C 141 9.27 21.37 -29.80
N GLN C 142 9.33 20.20 -29.16
CA GLN C 142 10.12 19.10 -29.69
C GLN C 142 9.21 17.91 -30.01
N PRO C 143 9.43 17.24 -31.14
CA PRO C 143 8.64 16.05 -31.45
C PRO C 143 8.91 14.94 -30.44
N ARG C 144 7.90 14.11 -30.22
CA ARG C 144 8.02 13.02 -29.26
C ARG C 144 7.57 11.71 -29.88
N GLU C 145 6.26 11.53 -30.03
CA GLU C 145 5.69 10.33 -30.62
C GLU C 145 5.20 10.62 -32.03
N LEU C 146 5.18 9.59 -32.86
CA LEU C 146 4.73 9.70 -34.24
C LEU C 146 3.84 8.51 -34.58
N VAL C 147 2.72 8.79 -35.24
CA VAL C 147 1.84 7.75 -35.76
C VAL C 147 1.48 8.10 -37.19
N ALA C 148 1.39 7.09 -38.05
CA ALA C 148 1.10 7.28 -39.46
C ALA C 148 -0.26 6.67 -39.79
N ASP C 149 -1.06 7.41 -40.56
CA ASP C 149 -2.35 6.94 -41.03
C ASP C 149 -2.15 6.36 -42.44
N ASP C 150 -2.13 5.04 -42.53
CA ASP C 150 -1.92 4.37 -43.81
C ASP C 150 -3.03 4.68 -44.81
N ALA C 151 -4.22 5.06 -44.35
CA ALA C 151 -5.34 5.28 -45.25
C ALA C 151 -5.25 6.65 -45.92
N THR C 152 -4.84 7.68 -45.19
CA THR C 152 -4.77 9.03 -45.73
C THR C 152 -3.36 9.53 -45.95
N ASN C 153 -2.35 8.71 -45.67
CA ASN C 153 -0.94 9.12 -45.74
C ASN C 153 -0.70 10.41 -44.96
N THR C 154 -1.16 10.42 -43.71
CA THR C 154 -1.01 11.56 -42.83
C THR C 154 -0.18 11.14 -41.63
N VAL C 155 0.76 11.99 -41.23
CA VAL C 155 1.63 11.74 -40.09
C VAL C 155 1.25 12.69 -38.97
N TYR C 156 1.02 12.13 -37.79
CA TYR C 156 0.68 12.91 -36.60
C TYR C 156 1.85 12.85 -35.64
N ILE C 157 2.27 14.02 -35.15
CA ILE C 157 3.46 14.15 -34.32
C ILE C 157 3.11 14.99 -33.10
N SER C 158 3.40 14.47 -31.91
CA SER C 158 3.17 15.20 -30.68
C SER C 158 4.35 16.14 -30.42
N GLY C 159 4.05 17.43 -30.33
CA GLY C 159 5.07 18.43 -30.03
C GLY C 159 4.98 18.92 -28.60
N ILE C 160 5.90 18.47 -27.75
CA ILE C 160 5.77 18.64 -26.32
C ILE C 160 6.43 19.94 -25.88
N GLY C 161 6.05 20.39 -24.69
CA GLY C 161 6.51 21.65 -24.15
C GLY C 161 5.58 22.09 -23.03
N LYS C 162 5.66 23.38 -22.70
CA LYS C 162 4.74 23.93 -21.71
C LYS C 162 3.31 23.92 -22.24
N GLU C 163 3.12 24.39 -23.47
CA GLU C 163 1.83 24.33 -24.16
C GLU C 163 2.05 23.48 -25.41
N SER C 164 1.78 22.18 -25.30
CA SER C 164 2.07 21.25 -26.38
C SER C 164 1.07 21.39 -27.52
N VAL C 165 1.42 20.79 -28.66
CA VAL C 165 0.57 20.76 -29.84
C VAL C 165 0.67 19.38 -30.49
N ILE C 166 -0.18 19.15 -31.49
CA ILE C 166 -0.11 17.97 -32.33
C ILE C 166 0.10 18.45 -33.76
N TRP C 167 1.23 18.07 -34.37
CA TRP C 167 1.54 18.44 -35.74
C TRP C 167 0.91 17.44 -36.70
N VAL C 168 0.28 17.96 -37.75
CA VAL C 168 -0.39 17.16 -38.77
C VAL C 168 0.36 17.37 -40.08
N VAL C 169 1.08 16.34 -40.52
CA VAL C 169 1.98 16.44 -41.66
C VAL C 169 1.40 15.63 -42.82
N ASP C 170 1.42 16.22 -44.01
CA ASP C 170 1.03 15.51 -45.23
C ASP C 170 2.19 14.61 -45.65
N GLY C 171 1.96 13.29 -45.61
CA GLY C 171 2.99 12.34 -45.98
C GLY C 171 3.36 12.37 -47.46
N GLY C 172 2.47 12.85 -48.31
CA GLY C 172 2.74 12.85 -49.74
C GLY C 172 3.91 13.75 -50.12
N ASN C 173 3.94 14.97 -49.58
CA ASN C 173 4.94 15.97 -49.95
C ASN C 173 5.72 16.49 -48.75
N ILE C 174 5.55 15.88 -47.57
CA ILE C 174 6.29 16.25 -46.36
C ILE C 174 6.07 17.73 -46.05
N LYS C 175 4.81 18.14 -45.99
CA LYS C 175 4.45 19.52 -45.67
C LYS C 175 3.47 19.53 -44.51
N LEU C 176 3.51 20.63 -43.75
CA LEU C 176 2.65 20.78 -42.59
C LEU C 176 1.23 21.16 -43.00
N LYS C 177 0.24 20.40 -42.53
CA LYS C 177 -1.15 20.75 -42.76
C LYS C 177 -1.64 21.77 -41.73
N THR C 178 -1.48 21.45 -40.45
CA THR C 178 -1.92 22.32 -39.37
C THR C 178 -1.29 21.84 -38.07
N ALA C 179 -1.47 22.62 -37.01
CA ALA C 179 -0.99 22.29 -35.68
C ALA C 179 -2.15 22.40 -34.71
N ILE C 180 -2.61 21.27 -34.20
CA ILE C 180 -3.72 21.27 -33.23
C ILE C 180 -3.23 21.88 -31.93
N GLN C 181 -3.94 22.91 -31.47
CA GLN C 181 -3.48 23.71 -30.34
C GLN C 181 -4.04 23.20 -29.02
N ASN C 182 -3.33 23.54 -27.94
CA ASN C 182 -3.84 23.39 -26.57
C ASN C 182 -4.05 21.92 -26.21
N THR C 183 -3.02 21.11 -26.37
CA THR C 183 -3.06 19.73 -25.91
C THR C 183 -2.52 19.57 -24.50
N GLY C 184 -2.11 20.65 -23.85
CA GLY C 184 -1.73 20.62 -22.45
C GLY C 184 -0.23 20.64 -22.23
N LYS C 185 0.13 20.39 -20.98
CA LYS C 185 1.54 20.38 -20.56
C LYS C 185 2.13 19.00 -20.84
N MET C 186 3.17 18.97 -21.68
CA MET C 186 3.91 17.75 -22.01
C MET C 186 2.97 16.66 -22.52
N SER C 187 2.30 16.98 -23.64
CA SER C 187 1.37 16.05 -24.28
C SER C 187 2.17 15.06 -25.11
N THR C 188 2.80 14.11 -24.41
CA THR C 188 3.70 13.17 -25.06
C THR C 188 2.95 12.05 -25.77
N GLY C 189 1.93 11.50 -25.13
CA GLY C 189 1.26 10.33 -25.68
C GLY C 189 0.60 10.61 -27.01
N LEU C 190 0.46 9.54 -27.80
CA LEU C 190 -0.16 9.65 -29.12
C LEU C 190 -0.54 8.26 -29.60
N ALA C 191 -1.79 8.11 -30.02
CA ALA C 191 -2.29 6.85 -30.55
C ALA C 191 -3.39 7.16 -31.56
N LEU C 192 -3.45 6.36 -32.63
CA LEU C 192 -4.32 6.63 -33.77
C LEU C 192 -5.31 5.49 -33.96
N ASP C 193 -6.57 5.86 -34.17
CA ASP C 193 -7.63 4.93 -34.57
C ASP C 193 -8.00 5.30 -36.01
N SER C 194 -7.42 4.58 -36.97
CA SER C 194 -7.59 4.95 -38.37
C SER C 194 -9.04 4.78 -38.81
N GLU C 195 -9.62 3.61 -38.56
CA GLU C 195 -11.00 3.35 -38.98
C GLU C 195 -11.96 4.33 -38.33
N GLY C 196 -11.85 4.53 -37.02
CA GLY C 196 -12.72 5.43 -36.29
C GLY C 196 -12.43 6.90 -36.47
N LYS C 197 -11.35 7.24 -37.18
CA LYS C 197 -10.96 8.64 -37.39
C LYS C 197 -10.81 9.38 -36.07
N ARG C 198 -10.17 8.73 -35.11
CA ARG C 198 -9.97 9.27 -33.77
C ARG C 198 -8.48 9.26 -33.45
N LEU C 199 -7.98 10.38 -32.94
CA LEU C 199 -6.60 10.50 -32.49
C LEU C 199 -6.60 10.85 -31.00
N TYR C 200 -5.74 10.17 -30.24
CA TYR C 200 -5.70 10.32 -28.81
C TYR C 200 -4.31 10.79 -28.37
N THR C 201 -4.28 11.62 -27.33
CA THR C 201 -3.02 12.10 -26.76
C THR C 201 -3.20 12.29 -25.27
N THR C 202 -2.11 12.08 -24.53
CA THR C 202 -2.10 12.20 -23.08
C THR C 202 -0.95 13.11 -22.65
N ASN C 203 -1.17 13.84 -21.56
CA ASN C 203 -0.24 14.88 -21.14
C ASN C 203 0.06 14.74 -19.65
N ALA C 204 0.86 15.67 -19.14
CA ALA C 204 1.23 15.70 -17.73
C ALA C 204 0.17 16.37 -16.86
N ASP C 205 -0.88 16.92 -17.46
CA ASP C 205 -2.02 17.43 -16.72
C ASP C 205 -3.01 16.34 -16.33
N GLY C 206 -2.67 15.08 -16.59
CA GLY C 206 -3.52 13.97 -16.18
C GLY C 206 -4.82 13.83 -16.94
N GLU C 207 -4.89 14.35 -18.17
CA GLU C 207 -6.12 14.30 -18.95
C GLU C 207 -5.88 13.52 -20.24
N LEU C 208 -6.95 12.87 -20.70
CA LEU C 208 -6.95 12.17 -21.99
C LEU C 208 -7.72 13.02 -23.00
N ILE C 209 -7.09 13.31 -24.14
CA ILE C 209 -7.65 14.20 -25.16
C ILE C 209 -7.99 13.37 -26.39
N THR C 210 -9.24 13.51 -26.85
CA THR C 210 -9.72 12.84 -28.05
C THR C 210 -9.87 13.86 -29.18
N ILE C 211 -9.41 13.49 -30.37
CA ILE C 211 -9.38 14.38 -31.53
C ILE C 211 -10.04 13.68 -32.71
N ASP C 212 -10.84 14.43 -33.47
CA ASP C 212 -11.40 13.95 -34.73
C ASP C 212 -10.40 14.24 -35.84
N THR C 213 -9.91 13.17 -36.49
CA THR C 213 -8.93 13.33 -37.56
C THR C 213 -9.55 13.86 -38.85
N ALA C 214 -10.88 13.94 -38.94
CA ALA C 214 -11.51 14.47 -40.14
C ALA C 214 -11.35 15.98 -40.24
N ASP C 215 -11.22 16.66 -39.10
CA ASP C 215 -11.07 18.12 -39.11
C ASP C 215 -10.01 18.62 -38.14
N ASN C 216 -9.27 17.72 -37.49
CA ASN C 216 -8.16 18.09 -36.61
C ASN C 216 -8.63 19.00 -35.46
N LYS C 217 -9.73 18.62 -34.84
CA LYS C 217 -10.33 19.39 -33.76
C LYS C 217 -10.54 18.51 -32.53
N ILE C 218 -10.28 19.08 -31.36
CA ILE C 218 -10.44 18.35 -30.11
C ILE C 218 -11.92 18.10 -29.85
N LEU C 219 -12.29 16.82 -29.70
CA LEU C 219 -13.67 16.47 -29.42
C LEU C 219 -13.98 16.48 -27.93
N SER C 220 -13.03 16.08 -27.09
CA SER C 220 -13.24 16.05 -25.66
C SER C 220 -11.90 15.93 -24.95
N ARG C 221 -11.91 16.26 -23.66
CA ARG C 221 -10.79 15.98 -22.78
C ARG C 221 -11.33 15.68 -21.38
N LYS C 222 -10.78 14.66 -20.73
CA LYS C 222 -11.22 14.27 -19.40
C LYS C 222 -10.02 13.95 -18.53
N LYS C 223 -9.99 14.52 -17.33
CA LYS C 223 -9.01 14.14 -16.34
C LYS C 223 -9.35 12.76 -15.81
N LEU C 224 -8.46 11.79 -16.03
CA LEU C 224 -8.79 10.40 -15.76
C LEU C 224 -8.81 10.10 -14.27
N LEU C 225 -8.07 10.85 -13.47
CA LEU C 225 -7.98 10.61 -12.03
C LEU C 225 -8.17 11.92 -11.28
N ASP C 226 -8.98 11.85 -10.22
CA ASP C 226 -9.23 13.03 -9.40
C ASP C 226 -8.84 12.73 -7.95
N ASP C 227 -7.65 12.18 -7.74
CA ASP C 227 -7.18 11.81 -6.42
C ASP C 227 -6.24 12.85 -5.81
N GLY C 228 -6.14 14.02 -6.43
CA GLY C 228 -5.26 15.06 -5.95
C GLY C 228 -3.78 14.77 -6.06
N LYS C 229 -3.40 13.72 -6.78
CA LYS C 229 -2.01 13.36 -6.98
C LYS C 229 -1.58 13.72 -8.40
N GLU C 230 -0.28 13.87 -8.59
CA GLU C 230 0.27 14.19 -9.90
C GLU C 230 0.39 12.94 -10.74
N HIS C 231 0.02 13.04 -12.02
CA HIS C 231 0.01 11.91 -12.93
C HIS C 231 0.56 12.35 -14.28
N PHE C 232 1.65 11.72 -14.70
CA PHE C 232 2.26 11.97 -16.01
C PHE C 232 1.90 10.79 -16.90
N PHE C 233 0.89 10.96 -17.75
CA PHE C 233 0.48 9.92 -18.70
C PHE C 233 1.33 10.07 -19.95
N ILE C 234 2.39 9.26 -20.03
CA ILE C 234 3.41 9.45 -21.05
C ILE C 234 3.05 8.78 -22.37
N ASN C 235 2.47 7.57 -22.33
CA ASN C 235 2.21 6.84 -23.54
C ASN C 235 0.83 6.18 -23.49
N ILE C 236 0.30 5.89 -24.68
CA ILE C 236 -1.02 5.29 -24.82
C ILE C 236 -1.01 4.36 -26.02
N SER C 237 -1.62 3.19 -25.86
CA SER C 237 -1.75 2.19 -26.93
C SER C 237 -3.19 1.72 -26.98
N LEU C 238 -3.71 1.54 -28.19
CA LEU C 238 -5.13 1.33 -28.42
C LEU C 238 -5.44 -0.14 -28.69
N ASP C 239 -6.55 -0.61 -28.13
CA ASP C 239 -7.22 -1.83 -28.55
C ASP C 239 -8.51 -1.37 -29.23
N THR C 240 -8.42 -1.10 -30.54
CA THR C 240 -9.54 -0.49 -31.26
C THR C 240 -10.73 -1.45 -31.38
N ALA C 241 -10.47 -2.75 -31.43
CA ALA C 241 -11.56 -3.72 -31.55
C ALA C 241 -12.52 -3.65 -30.37
N ARG C 242 -11.99 -3.36 -29.18
CA ARG C 242 -12.82 -3.22 -27.98
C ARG C 242 -12.90 -1.78 -27.50
N GLN C 243 -12.37 -0.83 -28.28
CA GLN C 243 -12.51 0.60 -28.01
C GLN C 243 -11.96 0.97 -26.63
N ARG C 244 -10.78 0.45 -26.32
CA ARG C 244 -10.12 0.71 -25.04
C ARG C 244 -8.67 1.09 -25.28
N ALA C 245 -8.09 1.76 -24.30
CA ALA C 245 -6.73 2.28 -24.38
C ALA C 245 -5.94 1.91 -23.15
N PHE C 246 -4.65 1.62 -23.33
CA PHE C 246 -3.74 1.34 -22.24
C PHE C 246 -2.80 2.53 -22.09
N ILE C 247 -2.75 3.11 -20.90
CA ILE C 247 -2.06 4.37 -20.65
C ILE C 247 -1.08 4.18 -19.50
N THR C 248 0.17 4.58 -19.73
CA THR C 248 1.23 4.48 -18.74
C THR C 248 1.25 5.72 -17.84
N ASP C 249 1.87 5.58 -16.68
CA ASP C 249 2.02 6.67 -15.72
C ASP C 249 3.41 6.59 -15.09
N SER C 250 4.20 7.65 -15.25
CA SER C 250 5.54 7.71 -14.68
C SER C 250 5.56 8.22 -13.25
N LYS C 251 4.45 8.72 -12.73
CA LYS C 251 4.39 9.22 -11.37
C LYS C 251 3.68 8.27 -10.41
N ALA C 252 2.88 7.34 -10.94
CA ALA C 252 2.15 6.38 -10.13
C ALA C 252 2.52 4.95 -10.53
N ALA C 253 2.32 4.04 -9.60
CA ALA C 253 2.65 2.63 -9.79
C ALA C 253 1.44 1.82 -10.23
N GLU C 254 0.76 2.27 -11.28
CA GLU C 254 -0.36 1.51 -11.84
C GLU C 254 -0.57 1.93 -13.29
N VAL C 255 -0.91 0.95 -14.13
CA VAL C 255 -1.22 1.18 -15.53
C VAL C 255 -2.73 1.25 -15.69
N LEU C 256 -3.19 2.24 -16.44
CA LEU C 256 -4.63 2.49 -16.60
C LEU C 256 -5.15 1.83 -17.87
N VAL C 257 -6.32 1.23 -17.77
CA VAL C 257 -7.08 0.74 -18.91
C VAL C 257 -8.34 1.59 -19.00
N VAL C 258 -8.51 2.30 -20.12
CA VAL C 258 -9.53 3.32 -20.25
C VAL C 258 -10.40 3.00 -21.46
N ASP C 259 -11.71 3.14 -21.28
CA ASP C 259 -12.66 2.98 -22.38
C ASP C 259 -12.68 4.27 -23.19
N THR C 260 -12.38 4.17 -24.49
CA THR C 260 -12.17 5.34 -25.33
C THR C 260 -13.45 6.11 -25.66
N ARG C 261 -14.63 5.59 -25.31
CA ARG C 261 -15.86 6.31 -25.63
C ARG C 261 -16.14 7.44 -24.64
N ASN C 262 -15.82 7.26 -23.37
CA ASN C 262 -16.15 8.27 -22.37
C ASN C 262 -15.04 8.54 -21.37
N GLY C 263 -13.92 7.82 -21.43
CA GLY C 263 -12.81 8.06 -20.54
C GLY C 263 -12.90 7.42 -19.17
N ASN C 264 -13.87 6.54 -18.92
CA ASN C 264 -13.94 5.85 -17.64
C ASN C 264 -12.87 4.77 -17.56
N ILE C 265 -12.36 4.57 -16.35
CA ILE C 265 -11.25 3.67 -16.11
C ILE C 265 -11.80 2.26 -15.95
N LEU C 266 -11.37 1.35 -16.83
CA LEU C 266 -11.83 -0.03 -16.76
C LEU C 266 -11.03 -0.86 -15.76
N ALA C 267 -9.77 -0.52 -15.54
CA ALA C 267 -8.94 -1.32 -14.66
C ALA C 267 -7.73 -0.52 -14.21
N LYS C 268 -7.19 -0.92 -13.06
CA LYS C 268 -5.93 -0.40 -12.54
C LYS C 268 -5.00 -1.59 -12.35
N VAL C 269 -4.06 -1.77 -13.28
CA VAL C 269 -3.12 -2.89 -13.23
C VAL C 269 -1.93 -2.46 -12.39
N ALA C 270 -1.66 -3.20 -11.32
CA ALA C 270 -0.54 -2.89 -10.45
C ALA C 270 0.77 -3.26 -11.13
N ALA C 271 1.65 -2.27 -11.29
CA ALA C 271 2.94 -2.47 -11.94
C ALA C 271 3.85 -1.32 -11.54
N PRO C 272 5.17 -1.49 -11.67
CA PRO C 272 6.09 -0.37 -11.40
C PRO C 272 5.80 0.81 -12.32
N GLU C 273 6.42 1.94 -12.00
CA GLU C 273 6.27 3.14 -12.81
C GLU C 273 6.63 2.84 -14.26
N SER C 274 5.80 3.32 -15.18
CA SER C 274 5.78 2.84 -16.56
C SER C 274 6.12 3.96 -17.54
N LEU C 275 6.65 3.55 -18.69
CA LEU C 275 7.01 4.49 -19.75
C LEU C 275 6.27 4.14 -21.05
N ALA C 276 6.69 3.09 -21.75
CA ALA C 276 6.10 2.71 -23.02
C ALA C 276 5.06 1.61 -22.84
N VAL C 277 4.10 1.56 -23.75
CA VAL C 277 3.05 0.54 -23.73
C VAL C 277 2.69 0.18 -25.17
N LEU C 278 2.52 -1.11 -25.41
CA LEU C 278 2.15 -1.61 -26.73
C LEU C 278 1.18 -2.77 -26.56
N PHE C 279 -0.03 -2.62 -27.10
CA PHE C 279 -1.03 -3.68 -27.04
C PHE C 279 -0.87 -4.63 -28.20
N ASN C 280 -1.00 -5.93 -27.91
CA ASN C 280 -0.86 -6.98 -28.91
C ASN C 280 -2.23 -7.63 -29.14
N PRO C 281 -2.94 -7.28 -30.21
CA PRO C 281 -4.25 -7.91 -30.46
C PRO C 281 -4.16 -9.40 -30.74
N ALA C 282 -3.04 -9.86 -31.32
CA ALA C 282 -2.89 -11.27 -31.63
C ALA C 282 -2.84 -12.15 -30.37
N ARG C 283 -2.48 -11.57 -29.23
CA ARG C 283 -2.39 -12.32 -27.98
C ARG C 283 -3.24 -11.73 -26.86
N ASN C 284 -3.93 -10.61 -27.11
CA ASN C 284 -4.74 -9.92 -26.10
C ASN C 284 -3.90 -9.60 -24.87
N GLU C 285 -2.73 -9.01 -25.12
CA GLU C 285 -1.80 -8.63 -24.07
C GLU C 285 -1.30 -7.22 -24.32
N ALA C 286 -0.84 -6.58 -23.24
CA ALA C 286 -0.19 -5.28 -23.30
C ALA C 286 1.18 -5.39 -22.65
N TYR C 287 2.20 -4.88 -23.32
CA TYR C 287 3.56 -4.91 -22.83
C TYR C 287 3.96 -3.51 -22.37
N VAL C 288 4.67 -3.44 -21.25
CA VAL C 288 4.95 -2.17 -20.58
C VAL C 288 6.40 -2.16 -20.13
N THR C 289 7.13 -1.10 -20.49
CA THR C 289 8.51 -0.93 -20.05
C THR C 289 8.55 -0.20 -18.71
N HIS C 290 9.48 -0.62 -17.86
CA HIS C 290 9.73 0.01 -16.57
C HIS C 290 11.19 0.47 -16.55
N ARG C 291 11.42 1.75 -16.86
CA ARG C 291 12.77 2.27 -17.01
C ARG C 291 13.58 2.10 -15.73
N GLN C 292 13.05 2.62 -14.62
CA GLN C 292 13.79 2.60 -13.36
C GLN C 292 13.90 1.18 -12.81
N ALA C 293 12.84 0.39 -12.95
CA ALA C 293 12.88 -0.98 -12.44
C ALA C 293 13.69 -1.91 -13.32
N GLY C 294 13.90 -1.56 -14.58
CA GLY C 294 14.64 -2.42 -15.49
C GLY C 294 13.91 -3.68 -15.88
N LYS C 295 12.61 -3.59 -16.13
CA LYS C 295 11.77 -4.76 -16.36
C LYS C 295 10.75 -4.43 -17.44
N VAL C 296 10.15 -5.48 -18.01
CA VAL C 296 9.03 -5.34 -18.94
C VAL C 296 7.91 -6.24 -18.45
N SER C 297 6.72 -5.67 -18.30
CA SER C 297 5.56 -6.37 -17.78
C SER C 297 4.65 -6.84 -18.92
N VAL C 298 4.08 -8.03 -18.75
CA VAL C 298 3.06 -8.55 -19.66
C VAL C 298 1.73 -8.46 -18.93
N ILE C 299 0.82 -7.65 -19.44
CA ILE C 299 -0.50 -7.45 -18.85
C ILE C 299 -1.51 -8.25 -19.66
N ASP C 300 -2.16 -9.22 -19.01
CA ASP C 300 -3.27 -9.92 -19.63
C ASP C 300 -4.48 -9.00 -19.66
N ALA C 301 -4.97 -8.67 -20.85
CA ALA C 301 -6.01 -7.65 -20.99
C ALA C 301 -7.43 -8.15 -20.75
N LYS C 302 -7.60 -9.42 -20.39
CA LYS C 302 -8.88 -9.94 -19.93
C LYS C 302 -9.00 -10.00 -18.42
N SER C 303 -7.97 -10.47 -17.73
CA SER C 303 -7.97 -10.46 -16.27
C SER C 303 -7.38 -9.18 -15.69
N TYR C 304 -6.75 -8.35 -16.53
CA TYR C 304 -6.14 -7.09 -16.10
C TYR C 304 -5.16 -7.31 -14.97
N LYS C 305 -4.26 -8.28 -15.17
CA LYS C 305 -3.24 -8.63 -14.19
C LYS C 305 -1.92 -8.81 -14.91
N VAL C 306 -0.84 -8.48 -14.21
CA VAL C 306 0.51 -8.79 -14.71
C VAL C 306 0.74 -10.28 -14.54
N VAL C 307 0.94 -10.98 -15.66
CA VAL C 307 1.11 -12.43 -15.63
C VAL C 307 2.54 -12.86 -15.92
N LYS C 308 3.41 -11.94 -16.32
CA LYS C 308 4.79 -12.27 -16.64
C LYS C 308 5.61 -10.99 -16.65
N THR C 309 6.85 -11.08 -16.16
CA THR C 309 7.75 -9.94 -16.12
C THR C 309 9.08 -10.33 -16.75
N PHE C 310 9.51 -9.57 -17.74
CA PHE C 310 10.75 -9.83 -18.44
C PHE C 310 11.88 -9.00 -17.86
N ASP C 311 13.03 -9.63 -17.66
CA ASP C 311 14.21 -8.99 -17.10
C ASP C 311 14.98 -8.27 -18.20
N THR C 312 14.89 -6.93 -18.21
CA THR C 312 15.59 -6.07 -19.17
C THR C 312 16.47 -5.08 -18.41
N PRO C 313 17.55 -5.56 -17.77
CA PRO C 313 18.32 -4.72 -16.83
C PRO C 313 18.74 -3.37 -17.37
N THR C 314 18.97 -2.46 -16.42
CA THR C 314 19.25 -1.04 -16.61
C THR C 314 17.96 -0.33 -17.04
N HIS C 315 17.95 0.35 -18.19
CA HIS C 315 16.79 1.14 -18.62
C HIS C 315 16.19 0.68 -19.94
N PRO C 316 15.16 -0.16 -19.90
CA PRO C 316 14.37 -0.41 -21.12
C PRO C 316 13.61 0.85 -21.50
N ASN C 317 13.37 1.00 -22.80
CA ASN C 317 12.84 2.26 -23.31
C ASN C 317 11.59 2.07 -24.17
N SER C 318 11.76 1.52 -25.36
CA SER C 318 10.70 1.45 -26.35
C SER C 318 10.35 0.01 -26.67
N LEU C 319 9.20 -0.17 -27.33
CA LEU C 319 8.68 -1.49 -27.67
C LEU C 319 8.32 -1.54 -29.15
N ALA C 320 8.44 -2.73 -29.73
CA ALA C 320 8.02 -2.97 -31.10
C ALA C 320 7.61 -4.43 -31.24
N LEU C 321 6.62 -4.66 -32.09
CA LEU C 321 6.08 -6.00 -32.32
C LEU C 321 6.23 -6.38 -33.79
N SER C 322 6.55 -7.65 -34.03
CA SER C 322 6.47 -8.18 -35.38
C SER C 322 5.03 -8.17 -35.86
N ALA C 323 4.86 -8.25 -37.19
CA ALA C 323 3.52 -8.14 -37.77
C ALA C 323 2.59 -9.23 -37.27
N ASP C 324 3.12 -10.44 -37.05
CA ASP C 324 2.30 -11.55 -36.59
C ASP C 324 2.07 -11.53 -35.07
N GLY C 325 2.67 -10.58 -34.35
CA GLY C 325 2.45 -10.48 -32.93
C GLY C 325 3.13 -11.54 -32.09
N LYS C 326 4.07 -12.30 -32.65
CA LYS C 326 4.72 -13.38 -31.93
C LYS C 326 6.10 -13.02 -31.39
N THR C 327 6.66 -11.87 -31.79
CA THR C 327 8.00 -11.47 -31.37
C THR C 327 7.95 -10.04 -30.87
N LEU C 328 8.43 -9.83 -29.63
CA LEU C 328 8.52 -8.51 -29.04
C LEU C 328 9.96 -8.02 -29.07
N TYR C 329 10.13 -6.74 -29.38
CA TYR C 329 11.45 -6.10 -29.44
C TYR C 329 11.50 -4.96 -28.45
N VAL C 330 12.56 -4.93 -27.62
CA VAL C 330 12.71 -3.93 -26.58
C VAL C 330 14.07 -3.26 -26.75
N SER C 331 14.09 -1.94 -26.89
CA SER C 331 15.34 -1.20 -26.87
C SER C 331 15.72 -0.92 -25.42
N VAL C 332 16.94 -1.28 -25.05
CA VAL C 332 17.40 -1.23 -23.67
C VAL C 332 18.63 -0.33 -23.63
N LYS C 333 18.54 0.72 -22.81
CA LYS C 333 19.57 1.75 -22.77
C LYS C 333 20.48 1.56 -21.55
N GLN C 334 21.75 1.93 -21.73
CA GLN C 334 22.68 1.98 -20.62
C GLN C 334 22.41 3.21 -19.77
N LYS C 335 22.97 3.22 -18.56
CA LYS C 335 22.89 4.41 -17.73
C LYS C 335 23.76 5.51 -18.34
N SER C 336 23.16 6.67 -18.60
CA SER C 336 23.89 7.81 -19.14
C SER C 336 23.27 9.08 -18.60
N THR C 337 24.13 9.99 -18.14
CA THR C 337 23.70 11.23 -17.51
C THR C 337 24.04 12.43 -18.39
N LYS C 338 23.55 13.60 -17.96
CA LYS C 338 23.89 14.84 -18.65
C LYS C 338 25.36 15.21 -18.49
N GLN C 339 26.03 14.68 -17.46
CA GLN C 339 27.44 14.94 -17.21
C GLN C 339 28.35 13.81 -17.70
N GLN C 340 27.93 12.56 -17.53
CA GLN C 340 28.75 11.40 -17.90
C GLN C 340 27.95 10.51 -18.84
N GLU C 341 28.41 10.40 -20.09
CA GLU C 341 27.76 9.55 -21.07
C GLU C 341 28.13 8.08 -20.83
N ALA C 342 27.35 7.21 -21.46
CA ALA C 342 27.64 5.78 -21.42
C ALA C 342 28.79 5.46 -22.37
N THR C 343 29.69 4.60 -21.91
CA THR C 343 30.82 4.17 -22.74
C THR C 343 30.50 2.94 -23.57
N GLN C 344 29.39 2.27 -23.29
CA GLN C 344 28.94 1.09 -24.03
C GLN C 344 27.71 1.42 -24.87
N PRO C 345 27.53 0.75 -26.01
CA PRO C 345 26.32 0.97 -26.80
C PRO C 345 25.09 0.39 -26.13
N ASP C 346 23.93 0.88 -26.55
CA ASP C 346 22.68 0.33 -26.07
C ASP C 346 22.36 -0.99 -26.76
N ASP C 347 21.35 -1.68 -26.24
CA ASP C 347 21.01 -3.02 -26.70
C ASP C 347 19.58 -3.06 -27.21
N VAL C 348 19.30 -4.08 -28.03
CA VAL C 348 17.95 -4.46 -28.41
C VAL C 348 17.73 -5.89 -27.94
N ILE C 349 16.61 -6.14 -27.29
CA ILE C 349 16.27 -7.47 -26.79
C ILE C 349 15.11 -8.01 -27.63
N ARG C 350 15.31 -9.19 -28.20
CA ARG C 350 14.29 -9.89 -28.98
C ARG C 350 13.69 -10.98 -28.10
N ILE C 351 12.39 -10.89 -27.85
CA ILE C 351 11.68 -11.82 -26.98
C ILE C 351 10.68 -12.60 -27.81
N ALA C 352 10.88 -13.92 -27.89
CA ALA C 352 9.92 -14.80 -28.53
C ALA C 352 8.75 -15.02 -27.58
N LEU C 353 7.59 -14.48 -27.93
CA LEU C 353 6.42 -14.52 -27.07
C LEU C 353 5.78 -15.90 -27.07
N GLU D 32 -39.22 10.49 -27.21
CA GLU D 32 -38.49 11.40 -28.10
C GLU D 32 -39.26 12.70 -28.29
N GLU D 33 -40.54 12.72 -27.94
CA GLU D 33 -41.25 13.99 -27.86
C GLU D 33 -40.61 14.83 -26.77
N MET D 34 -40.12 16.01 -27.14
CA MET D 34 -39.38 16.85 -26.22
C MET D 34 -39.79 18.31 -26.34
N LEU D 35 -39.82 19.01 -25.20
CA LEU D 35 -39.97 20.46 -25.17
C LEU D 35 -38.88 21.01 -24.25
N ARG D 36 -37.99 21.83 -24.80
CA ARG D 36 -36.93 22.47 -24.04
C ARG D 36 -37.25 23.95 -23.86
N LYS D 37 -37.09 24.44 -22.64
CA LYS D 37 -37.43 25.83 -22.32
C LYS D 37 -36.42 26.39 -21.32
N ALA D 38 -35.88 27.56 -21.64
CA ALA D 38 -34.97 28.24 -20.74
C ALA D 38 -35.73 28.80 -19.54
N VAL D 39 -35.17 28.62 -18.34
CA VAL D 39 -35.81 29.09 -17.12
C VAL D 39 -34.95 30.14 -16.41
N GLY D 40 -33.75 29.75 -15.98
CA GLY D 40 -32.90 30.69 -15.26
C GLY D 40 -31.56 30.05 -14.94
N LYS D 41 -30.70 30.86 -14.34
CA LYS D 41 -29.34 30.42 -14.01
C LYS D 41 -29.33 29.59 -12.73
N GLY D 42 -28.44 28.61 -12.69
CA GLY D 42 -28.27 27.79 -11.51
C GLY D 42 -29.43 26.85 -11.22
N ALA D 43 -29.97 26.20 -12.24
CA ALA D 43 -31.08 25.28 -12.03
C ALA D 43 -30.59 24.00 -11.36
N TYR D 44 -31.40 23.48 -10.43
CA TYR D 44 -31.10 22.21 -9.78
C TYR D 44 -32.33 21.33 -9.69
N GLU D 45 -32.83 21.07 -8.48
CA GLU D 45 -33.86 20.07 -8.28
C GLU D 45 -35.25 20.68 -8.45
N MET D 46 -36.25 19.80 -8.57
CA MET D 46 -37.61 20.17 -8.93
C MET D 46 -38.61 19.43 -8.07
N ALA D 47 -39.86 19.85 -8.16
CA ALA D 47 -40.96 19.22 -7.46
C ALA D 47 -42.25 19.44 -8.24
N TYR D 48 -43.14 18.46 -8.20
CA TYR D 48 -44.38 18.47 -8.95
C TYR D 48 -45.57 18.31 -8.01
N SER D 49 -46.64 19.04 -8.29
CA SER D 49 -47.87 18.98 -7.52
C SER D 49 -49.03 18.72 -8.46
N GLN D 50 -49.71 17.60 -8.26
CA GLN D 50 -50.90 17.31 -9.05
C GLN D 50 -52.04 18.27 -8.69
N GLN D 51 -52.17 18.61 -7.41
CA GLN D 51 -53.23 19.52 -6.99
C GLN D 51 -53.08 20.89 -7.64
N GLU D 52 -51.87 21.45 -7.61
CA GLU D 52 -51.66 22.76 -8.21
C GLU D 52 -51.48 22.69 -9.72
N ASN D 53 -51.29 21.49 -10.28
CA ASN D 53 -50.99 21.30 -11.69
C ASN D 53 -49.85 22.22 -12.10
N ALA D 54 -48.74 22.11 -11.37
CA ALA D 54 -47.62 23.01 -11.55
C ALA D 54 -46.32 22.29 -11.26
N LEU D 55 -45.25 22.85 -11.78
CA LEU D 55 -43.90 22.34 -11.61
C LEU D 55 -43.02 23.46 -11.06
N TRP D 56 -42.16 23.13 -10.10
CA TRP D 56 -41.28 24.10 -9.48
C TRP D 56 -39.83 23.75 -9.74
N LEU D 57 -39.02 24.77 -10.01
CA LEU D 57 -37.59 24.60 -10.23
C LEU D 57 -36.84 25.54 -9.30
N ALA D 58 -35.89 25.00 -8.55
CA ALA D 58 -35.02 25.79 -7.69
C ALA D 58 -33.82 26.28 -8.49
N THR D 59 -33.59 27.59 -8.45
CA THR D 59 -32.44 28.20 -9.12
C THR D 59 -31.65 29.02 -8.12
N SER D 60 -30.33 28.87 -8.16
CA SER D 60 -29.43 29.65 -7.31
C SER D 60 -28.99 30.94 -7.98
N GLN D 61 -29.40 31.14 -9.23
CA GLN D 61 -29.01 32.31 -10.01
C GLN D 61 -27.50 32.37 -10.14
N SER D 62 -26.98 33.56 -10.39
CA SER D 62 -25.55 33.70 -10.60
C SER D 62 -24.84 33.70 -9.24
N ARG D 63 -23.73 32.95 -9.15
CA ARG D 63 -23.08 32.73 -7.87
C ARG D 63 -22.31 33.94 -7.36
N LYS D 64 -21.82 34.82 -8.24
CA LYS D 64 -21.10 36.01 -7.80
C LYS D 64 -21.97 37.26 -7.80
N LEU D 65 -22.91 37.40 -8.75
CA LEU D 65 -23.70 38.62 -8.90
C LEU D 65 -24.99 38.61 -8.08
N ASP D 66 -25.58 37.44 -7.88
CA ASP D 66 -26.88 37.35 -7.23
C ASP D 66 -26.72 36.90 -5.79
N LYS D 67 -27.38 37.60 -4.88
CA LYS D 67 -27.49 37.21 -3.49
C LYS D 67 -28.86 36.55 -3.28
N GLY D 68 -28.86 35.27 -2.95
CA GLY D 68 -30.09 34.52 -2.91
C GLY D 68 -30.43 33.92 -4.26
N GLY D 69 -31.62 33.33 -4.32
CA GLY D 69 -32.05 32.68 -5.54
C GLY D 69 -33.53 32.85 -5.85
N VAL D 70 -34.01 32.09 -6.83
CA VAL D 70 -35.39 32.18 -7.28
C VAL D 70 -35.94 30.77 -7.44
N VAL D 71 -37.13 30.53 -6.91
CA VAL D 71 -37.88 29.32 -7.18
C VAL D 71 -38.90 29.65 -8.27
N TYR D 72 -38.78 29.00 -9.42
CA TYR D 72 -39.65 29.27 -10.55
C TYR D 72 -40.77 28.23 -10.57
N ARG D 73 -42.01 28.71 -10.66
CA ARG D 73 -43.15 27.84 -10.89
C ARG D 73 -43.46 27.81 -12.38
N LEU D 74 -43.55 26.61 -12.93
CA LEU D 74 -43.61 26.40 -14.37
C LEU D 74 -44.92 25.73 -14.76
N ASP D 75 -45.42 26.09 -15.93
CA ASP D 75 -46.55 25.38 -16.53
C ASP D 75 -46.09 23.98 -16.92
N PRO D 76 -46.75 22.92 -16.45
CA PRO D 76 -46.25 21.56 -16.72
C PRO D 76 -46.31 21.15 -18.19
N VAL D 77 -47.00 21.90 -19.04
CA VAL D 77 -47.10 21.57 -20.46
C VAL D 77 -46.17 22.42 -21.31
N THR D 78 -46.14 23.73 -21.08
CA THR D 78 -45.36 24.65 -21.88
C THR D 78 -44.06 25.09 -21.22
N LEU D 79 -43.89 24.79 -19.92
CA LEU D 79 -42.71 25.17 -19.15
C LEU D 79 -42.54 26.68 -19.05
N GLU D 80 -43.63 27.44 -19.25
CA GLU D 80 -43.57 28.89 -19.09
C GLU D 80 -43.63 29.27 -17.61
N VAL D 81 -42.85 30.28 -17.24
CA VAL D 81 -42.84 30.75 -15.86
C VAL D 81 -44.18 31.39 -15.53
N THR D 82 -44.88 30.82 -14.56
CA THR D 82 -46.13 31.38 -14.06
C THR D 82 -45.97 32.08 -12.72
N GLN D 83 -44.83 31.91 -12.06
CA GLN D 83 -44.53 32.62 -10.81
C GLN D 83 -43.03 32.55 -10.57
N ALA D 84 -42.47 33.65 -10.10
CA ALA D 84 -41.05 33.74 -9.75
C ALA D 84 -40.97 34.10 -8.28
N ILE D 85 -40.55 33.14 -7.46
CA ILE D 85 -40.49 33.32 -6.01
C ILE D 85 -39.05 33.66 -5.65
N HIS D 86 -38.81 34.93 -5.33
CA HIS D 86 -37.48 35.38 -4.94
C HIS D 86 -37.18 34.93 -3.52
N ASN D 87 -35.98 34.39 -3.31
CA ASN D 87 -35.55 33.91 -2.02
C ASN D 87 -34.22 34.58 -1.65
N ASP D 88 -34.11 35.01 -0.41
CA ASP D 88 -32.85 35.59 0.05
C ASP D 88 -31.78 34.56 0.31
N LEU D 89 -32.14 33.28 0.41
CA LEU D 89 -31.20 32.17 0.41
C LEU D 89 -31.35 31.38 -0.87
N LYS D 90 -30.23 30.94 -1.44
CA LYS D 90 -30.27 30.21 -2.70
C LYS D 90 -30.85 28.82 -2.47
N PRO D 91 -31.86 28.42 -3.25
CA PRO D 91 -32.39 27.05 -3.14
C PRO D 91 -31.69 26.08 -4.07
N PHE D 92 -31.53 24.84 -3.60
CA PHE D 92 -30.86 23.81 -4.38
C PHE D 92 -31.71 22.55 -4.45
N GLY D 93 -31.67 21.73 -3.40
CA GLY D 93 -32.52 20.56 -3.36
C GLY D 93 -33.99 20.94 -3.25
N ALA D 94 -34.85 19.99 -3.61
CA ALA D 94 -36.28 20.27 -3.65
C ALA D 94 -37.09 19.02 -3.35
N THR D 95 -38.18 19.21 -2.62
CA THR D 95 -39.18 18.17 -2.42
C THR D 95 -40.50 18.86 -2.07
N ILE D 96 -41.57 18.09 -2.05
CA ILE D 96 -42.90 18.62 -1.74
C ILE D 96 -43.64 17.63 -0.85
N ASN D 97 -44.31 18.16 0.17
CA ASN D 97 -45.27 17.39 0.96
C ASN D 97 -46.62 17.51 0.28
N ASN D 98 -47.06 16.43 -0.36
CA ASN D 98 -48.31 16.48 -1.13
C ASN D 98 -49.54 16.63 -0.25
N THR D 99 -49.44 16.26 1.03
CA THR D 99 -50.59 16.40 1.92
C THR D 99 -50.79 17.85 2.33
N THR D 100 -49.71 18.52 2.75
CA THR D 100 -49.77 19.92 3.14
C THR D 100 -49.55 20.88 1.97
N GLN D 101 -49.17 20.37 0.80
CA GLN D 101 -48.84 21.20 -0.36
C GLN D 101 -47.80 22.27 0.01
N THR D 102 -46.72 21.80 0.64
CA THR D 102 -45.65 22.66 1.11
C THR D 102 -44.35 22.27 0.42
N LEU D 103 -43.72 23.21 -0.28
CA LEU D 103 -42.44 22.96 -0.91
C LEU D 103 -41.32 23.11 0.11
N TRP D 104 -40.32 22.24 0.01
CA TRP D 104 -39.18 22.23 0.91
C TRP D 104 -37.90 22.28 0.09
N PHE D 105 -37.07 23.30 0.31
CA PHE D 105 -35.87 23.51 -0.47
C PHE D 105 -34.65 23.53 0.44
N GLY D 106 -33.55 22.93 -0.05
CA GLY D 106 -32.30 22.91 0.68
C GLY D 106 -31.42 24.09 0.31
N ASN D 107 -30.98 24.83 1.32
CA ASN D 107 -30.10 25.99 1.12
C ASN D 107 -28.68 25.50 1.37
N THR D 108 -28.03 25.02 0.31
CA THR D 108 -26.75 24.33 0.46
C THR D 108 -25.67 25.26 1.00
N VAL D 109 -25.53 26.45 0.39
CA VAL D 109 -24.45 27.36 0.79
C VAL D 109 -24.76 28.12 2.07
N ASN D 110 -25.90 27.87 2.69
CA ASN D 110 -26.26 28.51 3.95
C ASN D 110 -26.58 27.52 5.06
N SER D 111 -26.54 26.21 4.79
CA SER D 111 -26.83 25.18 5.78
C SER D 111 -28.21 25.37 6.39
N ALA D 112 -29.21 25.54 5.54
CA ALA D 112 -30.57 25.80 5.97
C ALA D 112 -31.57 25.10 5.04
N VAL D 113 -32.83 25.10 5.46
CA VAL D 113 -33.93 24.56 4.69
C VAL D 113 -35.04 25.59 4.64
N THR D 114 -35.72 25.70 3.50
CA THR D 114 -36.76 26.70 3.29
C THR D 114 -38.07 25.99 2.99
N ALA D 115 -39.15 26.43 3.64
CA ALA D 115 -40.49 25.94 3.39
C ALA D 115 -41.30 27.01 2.70
N ILE D 116 -42.00 26.64 1.62
CA ILE D 116 -42.77 27.57 0.82
C ILE D 116 -44.14 26.97 0.55
N ASP D 117 -45.19 27.76 0.75
CA ASP D 117 -46.55 27.34 0.43
C ASP D 117 -46.70 27.22 -1.08
N ALA D 118 -47.08 26.04 -1.55
CA ALA D 118 -47.14 25.80 -2.99
C ALA D 118 -48.33 26.50 -3.65
N LYS D 119 -49.37 26.81 -2.88
CA LYS D 119 -50.57 27.42 -3.46
C LYS D 119 -50.41 28.92 -3.62
N THR D 120 -49.94 29.60 -2.57
CA THR D 120 -49.77 31.05 -2.61
C THR D 120 -48.39 31.48 -3.08
N GLY D 121 -47.37 30.66 -2.85
CA GLY D 121 -46.01 31.03 -3.16
C GLY D 121 -45.28 31.74 -2.03
N GLU D 122 -45.92 31.88 -0.87
CA GLU D 122 -45.31 32.60 0.25
C GLU D 122 -44.28 31.74 0.94
N VAL D 123 -43.12 32.32 1.25
CA VAL D 123 -42.12 31.66 2.07
C VAL D 123 -42.65 31.56 3.49
N LYS D 124 -42.84 30.33 3.96
CA LYS D 124 -43.41 30.13 5.29
C LYS D 124 -42.38 30.32 6.40
N GLY D 125 -41.11 30.04 6.12
CA GLY D 125 -40.08 30.16 7.13
C GLY D 125 -38.86 29.33 6.76
N ARG D 126 -37.84 29.46 7.60
CA ARG D 126 -36.58 28.77 7.38
C ARG D 126 -36.05 28.24 8.70
N LEU D 127 -35.14 27.27 8.60
CA LEU D 127 -34.49 26.66 9.75
C LEU D 127 -33.02 26.46 9.41
N VAL D 128 -32.14 27.03 10.23
CA VAL D 128 -30.71 26.86 10.06
C VAL D 128 -30.31 25.51 10.67
N LEU D 129 -29.71 24.65 9.85
CA LEU D 129 -29.36 23.30 10.28
C LEU D 129 -27.93 23.20 10.80
N ASP D 130 -27.06 24.13 10.44
CA ASP D 130 -25.69 24.17 10.96
C ASP D 130 -25.29 25.65 11.06
N ASP D 131 -25.46 26.21 12.25
CA ASP D 131 -25.19 27.64 12.47
C ASP D 131 -23.72 27.93 12.74
N ARG D 132 -22.84 26.93 12.63
CA ARG D 132 -21.42 27.16 12.89
C ARG D 132 -20.82 28.04 11.81
N LYS D 133 -19.95 28.95 12.22
CA LYS D 133 -19.25 29.82 11.30
C LYS D 133 -18.06 29.06 10.71
N ARG D 134 -17.86 29.23 9.42
CA ARG D 134 -16.85 28.46 8.72
C ARG D 134 -15.45 29.04 8.93
N THR D 135 -14.56 28.22 9.46
CA THR D 135 -13.15 28.51 9.62
C THR D 135 -12.35 27.56 8.72
N GLU D 136 -11.09 27.33 9.07
CA GLU D 136 -10.28 26.36 8.33
C GLU D 136 -10.41 24.95 8.88
N GLU D 137 -10.71 24.82 10.17
CA GLU D 137 -10.95 23.51 10.78
C GLU D 137 -12.42 23.13 10.84
N VAL D 138 -13.31 24.13 10.92
CA VAL D 138 -14.74 23.89 11.02
C VAL D 138 -15.37 24.09 9.65
N ARG D 139 -15.90 23.03 9.08
CA ARG D 139 -16.64 23.07 7.82
C ARG D 139 -18.09 22.67 8.09
N PRO D 140 -19.04 23.61 8.11
CA PRO D 140 -20.42 23.24 8.44
C PRO D 140 -21.01 22.28 7.41
N LEU D 141 -21.84 21.37 7.91
CA LEU D 141 -22.51 20.41 7.03
C LEU D 141 -23.53 21.11 6.14
N GLN D 142 -23.66 20.61 4.92
CA GLN D 142 -24.53 21.25 3.94
C GLN D 142 -25.68 20.32 3.56
N PRO D 143 -26.90 20.84 3.45
CA PRO D 143 -28.02 20.01 2.97
C PRO D 143 -27.82 19.59 1.53
N ARG D 144 -28.37 18.42 1.20
CA ARG D 144 -28.22 17.87 -0.15
C ARG D 144 -29.56 17.43 -0.71
N GLU D 145 -30.07 16.30 -0.22
CA GLU D 145 -31.36 15.77 -0.64
C GLU D 145 -32.41 15.98 0.43
N LEU D 146 -33.67 16.06 0.01
CA LEU D 146 -34.80 16.24 0.90
C LEU D 146 -35.93 15.31 0.50
N VAL D 147 -36.53 14.66 1.50
CA VAL D 147 -37.72 13.83 1.31
C VAL D 147 -38.73 14.19 2.40
N ALA D 148 -40.00 14.21 2.03
CA ALA D 148 -41.08 14.57 2.94
C ALA D 148 -41.98 13.36 3.19
N ASP D 149 -42.34 13.15 4.46
CA ASP D 149 -43.26 12.09 4.85
C ASP D 149 -44.65 12.71 4.96
N ASP D 150 -45.49 12.46 3.95
CA ASP D 150 -46.84 13.03 3.94
C ASP D 150 -47.69 12.53 5.10
N ALA D 151 -47.35 11.37 5.68
CA ALA D 151 -48.18 10.81 6.74
C ALA D 151 -47.90 11.47 8.09
N THR D 152 -46.64 11.78 8.38
CA THR D 152 -46.24 12.37 9.65
C THR D 152 -45.83 13.82 9.55
N ASN D 153 -45.89 14.41 8.36
CA ASN D 153 -45.43 15.79 8.12
C ASN D 153 -44.01 15.98 8.66
N THR D 154 -43.12 15.08 8.27
CA THR D 154 -41.72 15.10 8.68
C THR D 154 -40.84 15.25 7.45
N VAL D 155 -39.83 16.12 7.56
CA VAL D 155 -38.89 16.38 6.48
C VAL D 155 -37.55 15.80 6.87
N TYR D 156 -36.98 14.99 6.00
CA TYR D 156 -35.66 14.39 6.21
C TYR D 156 -34.68 15.01 5.24
N ILE D 157 -33.53 15.46 5.75
CA ILE D 157 -32.55 16.20 4.99
C ILE D 157 -31.18 15.58 5.24
N SER D 158 -30.48 15.22 4.17
CA SER D 158 -29.13 14.68 4.27
C SER D 158 -28.13 15.83 4.40
N GLY D 159 -27.38 15.83 5.49
CA GLY D 159 -26.35 16.83 5.70
C GLY D 159 -24.97 16.26 5.46
N ILE D 160 -24.37 16.63 4.33
CA ILE D 160 -23.16 15.96 3.86
C ILE D 160 -21.92 16.65 4.42
N GLY D 161 -20.82 15.92 4.38
CA GLY D 161 -19.56 16.38 4.95
C GLY D 161 -18.64 15.20 5.17
N LYS D 162 -17.61 15.43 5.99
CA LYS D 162 -16.73 14.34 6.37
C LYS D 162 -17.47 13.31 7.21
N GLU D 163 -18.20 13.78 8.22
CA GLU D 163 -19.08 12.94 9.03
C GLU D 163 -20.51 13.44 8.83
N SER D 164 -21.21 12.84 7.88
CA SER D 164 -22.53 13.31 7.50
C SER D 164 -23.58 12.94 8.56
N VAL D 165 -24.74 13.58 8.46
CA VAL D 165 -25.89 13.30 9.33
C VAL D 165 -27.16 13.35 8.48
N ILE D 166 -28.26 12.96 9.11
CA ILE D 166 -29.59 13.10 8.54
C ILE D 166 -30.40 13.98 9.49
N TRP D 167 -30.84 15.12 9.00
CA TRP D 167 -31.64 16.04 9.80
C TRP D 167 -33.11 15.65 9.72
N VAL D 168 -33.77 15.65 10.87
CA VAL D 168 -35.18 15.29 10.99
C VAL D 168 -35.92 16.54 11.44
N VAL D 169 -36.71 17.13 10.54
CA VAL D 169 -37.37 18.40 10.76
C VAL D 169 -38.86 18.17 10.91
N ASP D 170 -39.46 18.81 11.92
CA ASP D 170 -40.91 18.79 12.08
C ASP D 170 -41.53 19.77 11.09
N GLY D 171 -42.30 19.26 10.13
CA GLY D 171 -42.92 20.10 9.14
C GLY D 171 -43.99 21.04 9.69
N GLY D 172 -44.57 20.70 10.85
CA GLY D 172 -45.62 21.53 11.40
C GLY D 172 -45.15 22.91 11.80
N ASN D 173 -44.01 22.99 12.49
CA ASN D 173 -43.50 24.24 13.03
C ASN D 173 -42.09 24.57 12.54
N ILE D 174 -41.55 23.81 11.59
CA ILE D 174 -40.22 24.05 11.02
C ILE D 174 -39.18 24.08 12.12
N LYS D 175 -39.16 23.04 12.95
CA LYS D 175 -38.20 22.92 14.04
C LYS D 175 -37.48 21.59 13.93
N LEU D 176 -36.24 21.55 14.43
CA LEU D 176 -35.43 20.35 14.37
C LEU D 176 -35.84 19.36 15.46
N LYS D 177 -36.12 18.13 15.05
CA LYS D 177 -36.41 17.07 16.03
C LYS D 177 -35.12 16.44 16.55
N THR D 178 -34.27 15.97 15.66
CA THR D 178 -33.00 15.34 16.02
C THR D 178 -32.13 15.25 14.77
N ALA D 179 -30.90 14.82 14.98
CA ALA D 179 -29.93 14.62 13.89
C ALA D 179 -29.36 13.22 14.00
N ILE D 180 -29.72 12.35 13.06
CA ILE D 180 -29.20 10.99 13.07
C ILE D 180 -27.71 11.01 12.76
N GLN D 181 -26.91 10.42 13.64
CA GLN D 181 -25.47 10.54 13.57
C GLN D 181 -24.85 9.40 12.78
N ASN D 182 -23.64 9.66 12.27
CA ASN D 182 -22.76 8.63 11.71
C ASN D 182 -23.37 7.95 10.48
N THR D 183 -23.73 8.77 9.50
CA THR D 183 -24.17 8.23 8.21
C THR D 183 -23.03 8.09 7.21
N GLY D 184 -21.81 8.43 7.61
CA GLY D 184 -20.64 8.19 6.79
C GLY D 184 -20.12 9.43 6.10
N LYS D 185 -19.18 9.20 5.18
CA LYS D 185 -18.57 10.26 4.41
C LYS D 185 -19.45 10.60 3.21
N MET D 186 -19.92 11.85 3.15
CA MET D 186 -20.71 12.36 2.04
C MET D 186 -21.95 11.49 1.80
N SER D 187 -22.79 11.42 2.82
CA SER D 187 -24.03 10.63 2.77
C SER D 187 -25.08 11.45 2.02
N THR D 188 -24.93 11.48 0.69
CA THR D 188 -25.77 12.33 -0.14
C THR D 188 -27.14 11.70 -0.40
N GLY D 189 -27.18 10.41 -0.70
CA GLY D 189 -28.43 9.79 -1.11
C GLY D 189 -29.46 9.81 0.00
N LEU D 190 -30.73 9.79 -0.41
CA LEU D 190 -31.84 9.82 0.54
C LEU D 190 -33.11 9.38 -0.17
N ALA D 191 -33.81 8.42 0.43
CA ALA D 191 -35.07 7.92 -0.12
C ALA D 191 -35.92 7.44 1.04
N LEU D 192 -37.23 7.63 0.92
CA LEU D 192 -38.17 7.39 2.01
C LEU D 192 -39.18 6.32 1.61
N ASP D 193 -39.40 5.35 2.51
CA ASP D 193 -40.46 4.36 2.40
C ASP D 193 -41.47 4.69 3.49
N SER D 194 -42.53 5.42 3.12
CA SER D 194 -43.47 5.94 4.12
C SER D 194 -44.22 4.81 4.81
N GLU D 195 -44.85 3.92 4.04
CA GLU D 195 -45.62 2.82 4.63
C GLU D 195 -44.74 1.92 5.48
N GLY D 196 -43.58 1.54 4.97
CA GLY D 196 -42.68 0.67 5.70
C GLY D 196 -41.93 1.31 6.84
N LYS D 197 -42.05 2.63 7.00
CA LYS D 197 -41.33 3.38 8.04
C LYS D 197 -39.83 3.14 7.94
N ARG D 198 -39.31 3.17 6.71
CA ARG D 198 -37.90 2.94 6.46
C ARG D 198 -37.34 4.13 5.68
N LEU D 199 -36.18 4.61 6.14
CA LEU D 199 -35.45 5.68 5.46
C LEU D 199 -34.09 5.15 5.04
N TYR D 200 -33.70 5.45 3.81
CA TYR D 200 -32.45 4.94 3.24
C TYR D 200 -31.55 6.10 2.85
N THR D 201 -30.24 5.89 3.01
CA THR D 201 -29.26 6.87 2.60
C THR D 201 -28.00 6.14 2.15
N THR D 202 -27.30 6.75 1.19
CA THR D 202 -26.09 6.18 0.62
C THR D 202 -24.98 7.23 0.66
N ASN D 203 -23.74 6.76 0.83
CA ASN D 203 -22.61 7.65 1.05
C ASN D 203 -21.44 7.24 0.15
N ALA D 204 -20.33 7.96 0.29
CA ALA D 204 -19.11 7.69 -0.47
C ALA D 204 -18.28 6.56 0.12
N ASP D 205 -18.67 6.03 1.28
CA ASP D 205 -18.03 4.84 1.83
C ASP D 205 -18.56 3.55 1.22
N GLY D 206 -19.41 3.66 0.20
CA GLY D 206 -19.89 2.48 -0.50
C GLY D 206 -20.88 1.63 0.26
N GLU D 207 -21.56 2.20 1.25
CA GLU D 207 -22.50 1.44 2.07
C GLU D 207 -23.91 2.02 1.95
N LEU D 208 -24.89 1.14 2.08
CA LEU D 208 -26.30 1.51 2.13
C LEU D 208 -26.78 1.44 3.58
N ILE D 209 -27.36 2.53 4.06
CA ILE D 209 -27.78 2.65 5.45
C ILE D 209 -29.29 2.67 5.50
N THR D 210 -29.86 1.79 6.32
CA THR D 210 -31.30 1.70 6.53
C THR D 210 -31.64 2.26 7.91
N ILE D 211 -32.69 3.08 7.97
CA ILE D 211 -33.08 3.77 9.19
C ILE D 211 -34.55 3.51 9.47
N ASP D 212 -34.88 3.28 10.74
CA ASP D 212 -36.26 3.18 11.19
C ASP D 212 -36.77 4.58 11.50
N THR D 213 -37.78 5.03 10.74
CA THR D 213 -38.32 6.37 10.94
C THR D 213 -39.16 6.48 12.20
N ALA D 214 -39.46 5.36 12.86
CA ALA D 214 -40.24 5.43 14.09
C ALA D 214 -39.40 5.96 15.25
N ASP D 215 -38.09 5.76 15.22
CA ASP D 215 -37.24 6.24 16.30
C ASP D 215 -35.94 6.88 15.80
N ASN D 216 -35.79 7.07 14.48
CA ASN D 216 -34.65 7.76 13.89
C ASN D 216 -33.33 7.08 14.28
N LYS D 217 -33.31 5.75 14.15
CA LYS D 217 -32.14 4.96 14.51
C LYS D 217 -31.74 4.07 13.34
N ILE D 218 -30.42 3.96 13.13
CA ILE D 218 -29.89 3.13 12.06
C ILE D 218 -30.15 1.67 12.37
N LEU D 219 -30.84 0.98 11.47
CA LEU D 219 -31.12 -0.44 11.65
C LEU D 219 -29.99 -1.32 11.11
N SER D 220 -29.35 -0.91 10.01
CA SER D 220 -28.28 -1.70 9.43
C SER D 220 -27.50 -0.82 8.46
N ARG D 221 -26.29 -1.28 8.14
CA ARG D 221 -25.52 -0.71 7.04
C ARG D 221 -24.71 -1.83 6.40
N LYS D 222 -24.67 -1.84 5.07
CA LYS D 222 -23.96 -2.88 4.34
C LYS D 222 -23.19 -2.26 3.18
N LYS D 223 -21.92 -2.60 3.08
CA LYS D 223 -21.13 -2.24 1.91
C LYS D 223 -21.61 -3.06 0.71
N LEU D 224 -22.15 -2.39 -0.31
CA LEU D 224 -22.81 -3.10 -1.38
C LEU D 224 -21.83 -3.82 -2.30
N LEU D 225 -20.59 -3.34 -2.38
CA LEU D 225 -19.60 -3.93 -3.26
C LEU D 225 -18.30 -4.13 -2.51
N ASP D 226 -17.68 -5.29 -2.71
CA ASP D 226 -16.39 -5.60 -2.09
C ASP D 226 -15.37 -5.94 -3.16
N ASP D 227 -15.28 -5.09 -4.18
CA ASP D 227 -14.38 -5.30 -5.31
C ASP D 227 -13.10 -4.50 -5.20
N GLY D 228 -12.83 -3.89 -4.04
CA GLY D 228 -11.63 -3.08 -3.89
C GLY D 228 -11.65 -1.79 -4.67
N LYS D 229 -12.79 -1.39 -5.21
CA LYS D 229 -12.91 -0.16 -5.98
C LYS D 229 -13.62 0.91 -5.14
N GLU D 230 -13.39 2.17 -5.52
CA GLU D 230 -14.06 3.27 -4.86
C GLU D 230 -15.44 3.46 -5.47
N HIS D 231 -16.43 3.69 -4.61
CA HIS D 231 -17.81 3.82 -5.06
C HIS D 231 -18.47 4.96 -4.31
N PHE D 232 -18.91 5.98 -5.06
CA PHE D 232 -19.65 7.10 -4.52
C PHE D 232 -21.10 6.90 -4.93
N PHE D 233 -21.91 6.39 -3.99
CA PHE D 233 -23.33 6.18 -4.23
C PHE D 233 -24.04 7.48 -3.90
N ILE D 234 -24.33 8.27 -4.93
CA ILE D 234 -24.80 9.64 -4.74
C ILE D 234 -26.30 9.69 -4.54
N ASN D 235 -27.06 8.89 -5.28
CA ASN D 235 -28.52 9.00 -5.23
C ASN D 235 -29.14 7.61 -5.22
N ILE D 236 -30.37 7.56 -4.70
CA ILE D 236 -31.11 6.31 -4.55
C ILE D 236 -32.59 6.60 -4.76
N SER D 237 -33.27 5.72 -5.50
CA SER D 237 -34.69 5.82 -5.74
C SER D 237 -35.33 4.46 -5.45
N LEU D 238 -36.50 4.48 -4.82
CA LEU D 238 -37.12 3.29 -4.28
C LEU D 238 -38.24 2.78 -5.17
N ASP D 239 -38.33 1.46 -5.31
CA ASP D 239 -39.51 0.77 -5.80
C ASP D 239 -40.08 0.04 -4.58
N THR D 240 -40.94 0.74 -3.84
CA THR D 240 -41.43 0.21 -2.56
C THR D 240 -42.34 -0.99 -2.77
N ALA D 241 -43.06 -1.05 -3.90
CA ALA D 241 -43.95 -2.18 -4.15
C ALA D 241 -43.20 -3.50 -4.21
N ARG D 242 -41.97 -3.48 -4.73
CA ARG D 242 -41.15 -4.68 -4.81
C ARG D 242 -39.96 -4.65 -3.86
N GLN D 243 -39.89 -3.64 -2.99
CA GLN D 243 -38.87 -3.55 -1.95
C GLN D 243 -37.46 -3.59 -2.53
N ARG D 244 -37.24 -2.80 -3.58
CA ARG D 244 -35.94 -2.70 -4.24
C ARG D 244 -35.60 -1.24 -4.44
N ALA D 245 -34.30 -0.96 -4.59
CA ALA D 245 -33.79 0.39 -4.71
C ALA D 245 -32.83 0.48 -5.89
N PHE D 246 -32.86 1.63 -6.56
CA PHE D 246 -31.95 1.93 -7.66
C PHE D 246 -30.94 2.95 -7.18
N ILE D 247 -29.65 2.62 -7.29
CA ILE D 247 -28.59 3.41 -6.69
C ILE D 247 -27.58 3.78 -7.77
N THR D 248 -27.27 5.07 -7.88
CA THR D 248 -26.29 5.57 -8.84
C THR D 248 -24.88 5.52 -8.26
N ASP D 249 -23.90 5.54 -9.17
CA ASP D 249 -22.50 5.56 -8.80
C ASP D 249 -21.76 6.49 -9.76
N SER D 250 -21.12 7.52 -9.20
CA SER D 250 -20.37 8.47 -10.00
C SER D 250 -18.93 8.02 -10.26
N LYS D 251 -18.49 6.93 -9.63
CA LYS D 251 -17.14 6.41 -9.84
C LYS D 251 -17.10 5.18 -10.73
N ALA D 252 -18.22 4.48 -10.88
CA ALA D 252 -18.31 3.29 -11.70
C ALA D 252 -19.38 3.47 -12.77
N ALA D 253 -19.23 2.72 -13.86
CA ALA D 253 -20.16 2.80 -14.99
C ALA D 253 -21.24 1.74 -14.89
N GLU D 254 -21.91 1.66 -13.76
CA GLU D 254 -23.02 0.72 -13.61
C GLU D 254 -23.96 1.22 -12.52
N VAL D 255 -25.26 1.05 -12.75
CA VAL D 255 -26.29 1.39 -11.79
C VAL D 255 -26.71 0.12 -11.06
N LEU D 256 -26.83 0.21 -9.74
CA LEU D 256 -27.14 -0.94 -8.91
C LEU D 256 -28.63 -1.01 -8.61
N VAL D 257 -29.16 -2.24 -8.66
CA VAL D 257 -30.51 -2.54 -8.19
C VAL D 257 -30.37 -3.45 -6.97
N VAL D 258 -30.86 -2.98 -5.82
CA VAL D 258 -30.58 -3.60 -4.53
C VAL D 258 -31.89 -3.94 -3.85
N ASP D 259 -31.94 -5.12 -3.23
CA ASP D 259 -33.09 -5.54 -2.43
C ASP D 259 -33.02 -4.85 -1.06
N THR D 260 -34.05 -4.06 -0.74
CA THR D 260 -34.02 -3.23 0.46
C THR D 260 -34.17 -4.04 1.74
N ARG D 261 -34.47 -5.33 1.66
CA ARG D 261 -34.61 -6.14 2.87
C ARG D 261 -33.25 -6.57 3.43
N ASN D 262 -32.28 -6.83 2.55
CA ASN D 262 -31.00 -7.37 2.97
C ASN D 262 -29.79 -6.75 2.28
N GLY D 263 -29.99 -5.85 1.31
CA GLY D 263 -28.87 -5.24 0.65
C GLY D 263 -28.24 -6.07 -0.46
N ASN D 264 -28.88 -7.16 -0.85
CA ASN D 264 -28.34 -7.97 -1.93
C ASN D 264 -28.55 -7.27 -3.27
N ILE D 265 -27.59 -7.45 -4.17
CA ILE D 265 -27.61 -6.77 -5.46
C ILE D 265 -28.43 -7.62 -6.42
N LEU D 266 -29.52 -7.05 -6.93
CA LEU D 266 -30.39 -7.76 -7.86
C LEU D 266 -29.92 -7.65 -9.31
N ALA D 267 -29.27 -6.55 -9.67
CA ALA D 267 -28.82 -6.36 -11.04
C ALA D 267 -27.77 -5.26 -11.07
N LYS D 268 -26.94 -5.31 -12.10
CA LYS D 268 -25.94 -4.30 -12.41
C LYS D 268 -26.22 -3.81 -13.83
N VAL D 269 -26.83 -2.63 -13.94
CA VAL D 269 -27.20 -2.09 -15.25
C VAL D 269 -26.04 -1.29 -15.82
N ALA D 270 -25.59 -1.66 -17.01
CA ALA D 270 -24.50 -0.96 -17.67
C ALA D 270 -24.99 0.38 -18.18
N ALA D 271 -24.37 1.47 -17.72
CA ALA D 271 -24.74 2.82 -18.11
C ALA D 271 -23.56 3.74 -17.80
N PRO D 272 -23.50 4.92 -18.42
CA PRO D 272 -22.45 5.88 -18.06
C PRO D 272 -22.50 6.25 -16.59
N GLU D 273 -21.45 6.92 -16.13
CA GLU D 273 -21.42 7.37 -14.75
C GLU D 273 -22.65 8.21 -14.43
N SER D 274 -23.26 7.92 -13.30
CA SER D 274 -24.61 8.35 -13.02
C SER D 274 -24.64 9.26 -11.80
N LEU D 275 -25.62 10.16 -11.78
CA LEU D 275 -25.80 11.09 -10.66
C LEU D 275 -27.19 10.91 -10.07
N ALA D 276 -28.24 11.36 -10.76
CA ALA D 276 -29.60 11.28 -10.26
C ALA D 276 -30.30 10.05 -10.82
N VAL D 277 -31.26 9.54 -10.05
CA VAL D 277 -32.04 8.37 -10.45
C VAL D 277 -33.46 8.54 -9.94
N LEU D 278 -34.42 8.21 -10.78
CA LEU D 278 -35.84 8.31 -10.43
C LEU D 278 -36.58 7.12 -11.02
N PHE D 279 -37.18 6.32 -10.14
CA PHE D 279 -37.96 5.17 -10.57
C PHE D 279 -39.40 5.57 -10.84
N ASN D 280 -39.97 5.06 -11.93
CA ASN D 280 -41.33 5.36 -12.32
C ASN D 280 -42.18 4.11 -12.14
N PRO D 281 -42.97 4.01 -11.07
CA PRO D 281 -43.80 2.80 -10.89
C PRO D 281 -44.89 2.67 -11.94
N ALA D 282 -45.38 3.78 -12.50
CA ALA D 282 -46.41 3.71 -13.52
C ALA D 282 -45.94 3.03 -14.79
N ARG D 283 -44.63 3.01 -15.04
CA ARG D 283 -44.07 2.40 -16.25
C ARG D 283 -43.03 1.34 -15.96
N ASN D 284 -42.70 1.09 -14.69
CA ASN D 284 -41.67 0.12 -14.30
C ASN D 284 -40.34 0.42 -14.99
N GLU D 285 -39.91 1.69 -14.90
CA GLU D 285 -38.66 2.15 -15.49
C GLU D 285 -37.91 3.01 -14.48
N ALA D 286 -36.61 3.11 -14.69
CA ALA D 286 -35.75 3.99 -13.91
C ALA D 286 -35.01 4.92 -14.86
N TYR D 287 -35.02 6.22 -14.54
CA TYR D 287 -34.35 7.23 -15.35
C TYR D 287 -33.10 7.72 -14.63
N VAL D 288 -32.03 7.93 -15.40
CA VAL D 288 -30.70 8.19 -14.86
C VAL D 288 -30.03 9.29 -15.69
N THR D 289 -29.51 10.32 -15.00
CA THR D 289 -28.80 11.41 -15.66
C THR D 289 -27.31 11.10 -15.80
N HIS D 290 -26.74 11.51 -16.95
CA HIS D 290 -25.31 11.41 -17.23
C HIS D 290 -24.82 12.82 -17.54
N ARG D 291 -24.20 13.49 -16.56
CA ARG D 291 -23.89 14.91 -16.67
C ARG D 291 -22.98 15.22 -17.86
N GLN D 292 -21.82 14.58 -17.93
CA GLN D 292 -20.82 15.01 -18.90
C GLN D 292 -21.27 14.69 -20.33
N ALA D 293 -21.93 13.55 -20.54
CA ALA D 293 -22.35 13.17 -21.88
C ALA D 293 -23.55 13.95 -22.37
N GLY D 294 -24.31 14.59 -21.48
CA GLY D 294 -25.51 15.27 -21.91
C GLY D 294 -26.62 14.32 -22.30
N LYS D 295 -26.85 13.28 -21.49
CA LYS D 295 -27.78 12.22 -21.85
C LYS D 295 -28.56 11.79 -20.61
N VAL D 296 -29.69 11.14 -20.86
CA VAL D 296 -30.51 10.50 -19.83
C VAL D 296 -30.82 9.09 -20.29
N SER D 297 -30.57 8.11 -19.42
CA SER D 297 -30.80 6.71 -19.76
C SER D 297 -32.13 6.23 -19.17
N VAL D 298 -32.83 5.39 -19.94
CA VAL D 298 -34.05 4.73 -19.49
C VAL D 298 -33.72 3.27 -19.21
N ILE D 299 -33.86 2.87 -17.95
CA ILE D 299 -33.59 1.50 -17.52
C ILE D 299 -34.91 0.77 -17.37
N ASP D 300 -35.11 -0.28 -18.16
CA ASP D 300 -36.26 -1.16 -17.98
C ASP D 300 -36.04 -2.02 -16.74
N ALA D 301 -36.91 -1.87 -15.74
CA ALA D 301 -36.73 -2.53 -14.46
C ALA D 301 -37.23 -3.97 -14.45
N LYS D 302 -37.64 -4.51 -15.60
CA LYS D 302 -37.97 -5.93 -15.71
C LYS D 302 -36.81 -6.72 -16.29
N SER D 303 -36.19 -6.22 -17.37
CA SER D 303 -35.03 -6.85 -17.97
C SER D 303 -33.70 -6.29 -17.45
N TYR D 304 -33.75 -5.19 -16.67
CA TYR D 304 -32.56 -4.55 -16.12
C TYR D 304 -31.57 -4.19 -17.25
N LYS D 305 -32.10 -3.53 -18.28
CA LYS D 305 -31.31 -3.12 -19.43
C LYS D 305 -31.67 -1.69 -19.80
N VAL D 306 -30.69 -0.97 -20.33
CA VAL D 306 -30.93 0.34 -20.92
C VAL D 306 -31.61 0.13 -22.26
N VAL D 307 -32.85 0.62 -22.39
CA VAL D 307 -33.62 0.44 -23.61
C VAL D 307 -33.79 1.72 -24.40
N LYS D 308 -33.42 2.88 -23.85
CA LYS D 308 -33.59 4.15 -24.52
C LYS D 308 -32.71 5.19 -23.85
N THR D 309 -32.15 6.09 -24.65
CA THR D 309 -31.30 7.16 -24.15
C THR D 309 -31.78 8.48 -24.72
N PHE D 310 -32.02 9.45 -23.84
CA PHE D 310 -32.51 10.77 -24.23
C PHE D 310 -31.35 11.76 -24.33
N ASP D 311 -31.38 12.58 -25.38
CA ASP D 311 -30.36 13.61 -25.60
C ASP D 311 -30.75 14.86 -24.83
N THR D 312 -30.03 15.13 -23.73
CA THR D 312 -30.24 16.32 -22.91
C THR D 312 -28.94 17.12 -22.89
N PRO D 313 -28.56 17.71 -24.03
CA PRO D 313 -27.20 18.25 -24.17
C PRO D 313 -26.82 19.25 -23.08
N THR D 314 -25.52 19.27 -22.79
CA THR D 314 -24.90 20.14 -21.78
C THR D 314 -25.39 19.84 -20.37
N HIS D 315 -24.66 18.99 -19.66
CA HIS D 315 -24.81 18.63 -18.25
C HIS D 315 -26.24 18.60 -17.72
N PRO D 316 -26.93 17.47 -17.83
CA PRO D 316 -28.18 17.29 -17.08
C PRO D 316 -27.92 17.13 -15.59
N ASN D 317 -28.90 17.51 -14.78
CA ASN D 317 -28.71 17.54 -13.33
C ASN D 317 -29.75 16.72 -12.58
N SER D 318 -30.99 17.19 -12.54
CA SER D 318 -32.02 16.60 -11.71
C SER D 318 -33.18 16.06 -12.55
N LEU D 319 -34.01 15.24 -11.91
CA LEU D 319 -35.14 14.59 -12.56
C LEU D 319 -36.41 14.82 -11.75
N ALA D 320 -37.53 14.88 -12.45
CA ALA D 320 -38.84 14.98 -11.81
C ALA D 320 -39.88 14.33 -12.72
N LEU D 321 -40.90 13.74 -12.10
CA LEU D 321 -41.96 13.05 -12.81
C LEU D 321 -43.30 13.69 -12.49
N SER D 322 -44.16 13.78 -13.50
CA SER D 322 -45.55 14.13 -13.25
C SER D 322 -46.22 13.04 -12.42
N ALA D 323 -47.34 13.41 -11.80
CA ALA D 323 -48.00 12.48 -10.88
C ALA D 323 -48.44 11.20 -11.58
N ASP D 324 -48.87 11.30 -12.84
CA ASP D 324 -49.33 10.13 -13.57
C ASP D 324 -48.19 9.31 -14.16
N GLY D 325 -46.95 9.77 -14.03
CA GLY D 325 -45.81 9.02 -14.53
C GLY D 325 -45.63 9.03 -16.03
N LYS D 326 -46.33 9.90 -16.75
CA LYS D 326 -46.26 9.93 -18.20
C LYS D 326 -45.34 11.02 -18.75
N THR D 327 -44.88 11.94 -17.89
CA THR D 327 -44.05 13.06 -18.32
C THR D 327 -42.83 13.14 -17.42
N LEU D 328 -41.64 13.12 -18.02
CA LEU D 328 -40.38 13.28 -17.31
C LEU D 328 -39.85 14.68 -17.51
N TYR D 329 -39.32 15.26 -16.44
CA TYR D 329 -38.75 16.60 -16.46
C TYR D 329 -37.28 16.53 -16.05
N VAL D 330 -36.42 17.17 -16.82
CA VAL D 330 -34.98 17.14 -16.61
C VAL D 330 -34.48 18.58 -16.55
N SER D 331 -33.82 18.94 -15.45
CA SER D 331 -33.15 20.22 -15.36
C SER D 331 -31.76 20.11 -15.99
N VAL D 332 -31.46 21.03 -16.91
CA VAL D 332 -30.27 20.96 -17.74
C VAL D 332 -29.44 22.22 -17.54
N LYS D 333 -28.20 22.05 -17.10
CA LYS D 333 -27.33 23.15 -16.73
C LYS D 333 -26.29 23.41 -17.81
N GLN D 334 -25.91 24.68 -17.96
CA GLN D 334 -24.82 25.04 -18.87
C GLN D 334 -23.45 24.70 -18.28
N ALA D 342 -21.47 30.39 -16.24
CA ALA D 342 -22.21 30.37 -17.51
C ALA D 342 -22.88 31.71 -17.80
N THR D 343 -22.81 32.16 -19.05
CA THR D 343 -23.49 33.39 -19.47
C THR D 343 -24.92 33.17 -19.90
N GLN D 344 -25.34 31.91 -20.11
CA GLN D 344 -26.69 31.58 -20.53
C GLN D 344 -27.47 30.96 -19.37
N PRO D 345 -28.79 31.15 -19.34
CA PRO D 345 -29.59 30.49 -18.31
C PRO D 345 -29.70 28.99 -18.57
N ASP D 346 -30.01 28.27 -17.50
CA ASP D 346 -30.21 26.82 -17.60
C ASP D 346 -31.59 26.51 -18.19
N ASP D 347 -31.79 25.24 -18.54
CA ASP D 347 -32.99 24.81 -19.23
C ASP D 347 -33.72 23.73 -18.44
N VAL D 348 -35.00 23.57 -18.77
CA VAL D 348 -35.79 22.43 -18.35
C VAL D 348 -36.29 21.71 -19.60
N ILE D 349 -36.13 20.39 -19.63
CA ILE D 349 -36.57 19.56 -20.75
C ILE D 349 -37.76 18.74 -20.32
N ARG D 350 -38.86 18.86 -21.07
CA ARG D 350 -40.07 18.08 -20.82
C ARG D 350 -40.13 16.94 -21.83
N ILE D 351 -40.10 15.71 -21.34
CA ILE D 351 -40.05 14.51 -22.18
C ILE D 351 -41.35 13.73 -22.00
N ALA D 352 -42.11 13.62 -23.08
CA ALA D 352 -43.33 12.81 -23.08
C ALA D 352 -42.94 11.34 -23.17
N LEU D 353 -43.16 10.61 -22.07
CA LEU D 353 -42.76 9.22 -21.99
C LEU D 353 -43.71 8.32 -22.77
#